data_4HX5
#
_entry.id   4HX5
#
_cell.length_a   56.399
_cell.length_b   153.491
_cell.length_c   73.755
_cell.angle_alpha   90.00
_cell.angle_beta   92.89
_cell.angle_gamma   90.00
#
_symmetry.space_group_name_H-M   'P 1 21 1'
#
loop_
_entity.id
_entity.type
_entity.pdbx_description
1 polymer 'Corticosteroid 11-beta-dehydrogenase isozyme 1'
2 non-polymer 4-[5-(4-tert-butylpiperazin-1-yl)pyridin-2-yl]-N-[(1R,2S,3S,5S,7s)-5-carbamoyltricyclo[3.3.1.1~3,7~]dec-2-yl]-3,4-dihydroquinoxaline-1(2H)-carboxamide
3 non-polymer 'NADPH DIHYDRO-NICOTINAMIDE-ADENINE-DINUCLEOTIDE PHOSPHATE'
4 water water
#
_entity_poly.entity_id   1
_entity_poly.type   'polypeptide(L)'
_entity_poly.pdbx_seq_one_letter_code
;MKHQHQHQHQHQHQQPLNEEFRPEMLQGKKVIVTGASKGIGREMAYHLAKMGAHVVVTARSKETLQKVVSHCLELGAASA
HYIAGTMEDMTFAEQFVAQAGKLMGGLDMLILNHITNTSLNLFHDDIHHVRKSMEVNFLSYVVLTVAALPMLKQSNGSIV
VVSSLAGKVAYPMVAAYSASKFALDGFFSSIRKEYSVSRVNVSITLCVLGLIDTETAMKAVSGIVHMQAAPKEECALEII
KGGALRQEEVYYDSSLWTTLLIRNPSRKILEFLYSTSYNMDRFINK
;
_entity_poly.pdbx_strand_id   A,B,C,D
#
# COMPACT_ATOMS: atom_id res chain seq x y z
N GLU A 19 7.85 -8.08 25.40
CA GLU A 19 8.83 -9.03 25.93
C GLU A 19 8.91 -10.26 25.02
N GLU A 20 10.03 -10.99 25.08
CA GLU A 20 10.21 -12.20 24.29
C GLU A 20 9.40 -13.32 24.93
N PHE A 21 9.06 -14.34 24.14
CA PHE A 21 8.32 -15.49 24.65
C PHE A 21 9.22 -16.38 25.51
N ARG A 22 8.65 -16.92 26.60
CA ARG A 22 9.30 -17.86 27.51
C ARG A 22 8.30 -18.99 27.77
N PRO A 23 8.69 -20.29 27.58
CA PRO A 23 7.74 -21.40 27.84
C PRO A 23 7.03 -21.39 29.20
N GLU A 24 7.66 -20.74 30.21
CA GLU A 24 7.14 -20.58 31.59
C GLU A 24 5.85 -19.74 31.63
N MET A 25 5.60 -18.92 30.57
CA MET A 25 4.36 -18.12 30.44
C MET A 25 3.14 -19.06 30.39
N LEU A 26 3.31 -20.29 29.88
CA LEU A 26 2.25 -21.29 29.78
C LEU A 26 2.19 -22.28 30.96
N GLN A 27 3.19 -22.27 31.85
CA GLN A 27 3.22 -23.16 33.03
C GLN A 27 2.01 -22.94 33.92
N GLY A 28 1.26 -24.01 34.15
CA GLY A 28 0.04 -23.95 34.96
C GLY A 28 -1.12 -23.19 34.36
N LYS A 29 -0.99 -22.73 33.09
CA LYS A 29 -2.09 -22.02 32.41
C LYS A 29 -3.17 -23.03 32.02
N LYS A 30 -4.45 -22.63 32.10
CA LYS A 30 -5.62 -23.47 31.78
C LYS A 30 -6.00 -23.18 30.33
N VAL A 31 -5.80 -24.20 29.47
CA VAL A 31 -5.96 -24.02 28.03
C VAL A 31 -6.89 -25.04 27.37
N ILE A 32 -7.79 -24.56 26.48
CA ILE A 32 -8.63 -25.40 25.62
C ILE A 32 -8.00 -25.38 24.23
N VAL A 33 -7.92 -26.57 23.59
CA VAL A 33 -7.52 -26.68 22.21
C VAL A 33 -8.62 -27.49 21.51
N THR A 34 -9.22 -26.92 20.48
CA THR A 34 -10.22 -27.64 19.68
C THR A 34 -9.50 -28.21 18.45
N GLY A 35 -10.11 -29.22 17.81
CA GLY A 35 -9.50 -29.94 16.69
C GLY A 35 -8.11 -30.44 17.02
N ALA A 36 -7.96 -30.99 18.25
CA ALA A 36 -6.67 -31.40 18.78
C ALA A 36 -6.37 -32.91 18.75
N SER A 37 -7.15 -33.69 17.99
CA SER A 37 -6.90 -35.13 17.91
C SER A 37 -5.83 -35.44 16.87
N LYS A 38 -5.58 -34.47 15.96
CA LYS A 38 -4.57 -34.61 14.92
C LYS A 38 -4.08 -33.24 14.42
N GLY A 39 -3.13 -33.27 13.49
CA GLY A 39 -2.60 -32.09 12.82
C GLY A 39 -2.01 -31.04 13.73
N ILE A 40 -2.26 -29.75 13.41
CA ILE A 40 -1.76 -28.58 14.15
C ILE A 40 -2.28 -28.57 15.60
N GLY A 41 -3.56 -28.90 15.76
CA GLY A 41 -4.20 -28.92 17.07
C GLY A 41 -3.48 -29.86 18.02
N ARG A 42 -3.18 -31.08 17.55
CA ARG A 42 -2.46 -32.08 18.36
C ARG A 42 -1.07 -31.57 18.74
N GLU A 43 -0.36 -30.95 17.78
CA GLU A 43 0.98 -30.40 18.02
C GLU A 43 0.93 -29.29 19.07
N MET A 44 -0.16 -28.49 19.07
CA MET A 44 -0.37 -27.43 20.05
C MET A 44 -0.57 -28.03 21.44
N ALA A 45 -1.40 -29.09 21.55
CA ALA A 45 -1.57 -29.78 22.84
C ALA A 45 -0.21 -30.28 23.36
N TYR A 46 0.65 -30.84 22.49
CA TYR A 46 2.00 -31.31 22.87
C TYR A 46 2.92 -30.20 23.39
N HIS A 47 2.98 -29.04 22.70
CA HIS A 47 3.78 -27.89 23.13
C HIS A 47 3.31 -27.37 24.49
N LEU A 48 1.99 -27.29 24.67
CA LEU A 48 1.37 -26.88 25.92
C LEU A 48 1.69 -27.85 27.07
N ALA A 49 1.65 -29.16 26.77
CA ALA A 49 2.00 -30.25 27.70
C ALA A 49 3.46 -30.11 28.14
N LYS A 50 4.42 -29.94 27.20
CA LYS A 50 5.85 -29.74 27.49
C LYS A 50 6.07 -28.50 28.38
N MET A 51 5.23 -27.44 28.23
CA MET A 51 5.30 -26.21 29.00
C MET A 51 4.62 -26.33 30.38
N GLY A 52 3.97 -27.45 30.65
CA GLY A 52 3.34 -27.69 31.94
C GLY A 52 2.02 -26.98 32.14
N ALA A 53 1.24 -26.85 31.06
CA ALA A 53 -0.07 -26.21 31.09
C ALA A 53 -1.10 -27.26 31.45
N HIS A 54 -2.30 -26.81 31.89
CA HIS A 54 -3.47 -27.64 32.10
C HIS A 54 -4.15 -27.59 30.72
N VAL A 55 -4.49 -28.77 30.17
CA VAL A 55 -5.02 -28.88 28.83
C VAL A 55 -6.32 -29.68 28.79
N VAL A 56 -7.31 -29.15 28.06
CA VAL A 56 -8.54 -29.85 27.71
C VAL A 56 -8.62 -29.84 26.15
N VAL A 57 -8.56 -31.02 25.56
CA VAL A 57 -8.60 -31.19 24.11
C VAL A 57 -9.96 -31.70 23.66
N THR A 58 -10.35 -31.35 22.42
CA THR A 58 -11.61 -31.81 21.85
C THR A 58 -11.49 -32.05 20.34
N ALA A 59 -12.37 -32.92 19.82
CA ALA A 59 -12.54 -33.40 18.45
C ALA A 59 -13.67 -34.41 18.57
N ARG A 60 -14.12 -35.01 17.46
CA ARG A 60 -15.21 -36.00 17.59
C ARG A 60 -14.73 -37.38 18.07
N SER A 61 -13.50 -37.78 17.71
CA SER A 61 -12.95 -39.12 17.99
C SER A 61 -12.30 -39.30 19.36
N LYS A 62 -12.96 -40.10 20.21
CA LYS A 62 -12.44 -40.43 21.54
C LYS A 62 -11.13 -41.24 21.47
N GLU A 63 -11.02 -42.15 20.50
CA GLU A 63 -9.86 -43.03 20.31
C GLU A 63 -8.61 -42.25 20.09
N THR A 64 -8.67 -41.28 19.17
CA THR A 64 -7.50 -40.45 18.89
C THR A 64 -7.23 -39.46 20.03
N LEU A 65 -8.30 -38.92 20.66
CA LEU A 65 -8.14 -37.99 21.78
C LEU A 65 -7.47 -38.65 22.99
N GLN A 66 -7.82 -39.93 23.28
CA GLN A 66 -7.22 -40.73 24.35
C GLN A 66 -5.71 -40.80 24.18
N LYS A 67 -5.22 -41.02 22.95
CA LYS A 67 -3.77 -41.10 22.66
C LYS A 67 -3.07 -39.74 22.80
N VAL A 68 -3.76 -38.64 22.44
CA VAL A 68 -3.25 -37.27 22.59
C VAL A 68 -3.12 -36.97 24.09
N VAL A 69 -4.16 -37.32 24.88
CA VAL A 69 -4.13 -37.10 26.32
C VAL A 69 -3.00 -37.89 27.00
N SER A 70 -2.85 -39.21 26.70
CA SER A 70 -1.76 -39.99 27.33
C SER A 70 -0.39 -39.44 26.98
N HIS A 71 -0.20 -38.96 25.72
CA HIS A 71 1.08 -38.36 25.33
C HIS A 71 1.35 -37.02 25.99
N CYS A 72 0.29 -36.21 26.20
CA CYS A 72 0.39 -34.92 26.88
C CYS A 72 0.91 -35.12 28.31
N LEU A 73 0.39 -36.14 29.01
CA LEU A 73 0.80 -36.47 30.38
C LEU A 73 2.27 -36.92 30.44
N GLU A 74 2.73 -37.68 29.42
CA GLU A 74 4.12 -38.15 29.28
C GLU A 74 5.08 -36.99 29.08
N LEU A 75 4.62 -35.94 28.38
CA LEU A 75 5.40 -34.74 28.04
C LEU A 75 5.53 -33.79 29.22
N GLY A 76 4.73 -34.00 30.25
CA GLY A 76 4.78 -33.19 31.45
C GLY A 76 3.67 -32.18 31.67
N ALA A 77 2.48 -32.39 31.05
CA ALA A 77 1.34 -31.49 31.25
C ALA A 77 0.95 -31.53 32.71
N ALA A 78 0.55 -30.39 33.28
CA ALA A 78 0.08 -30.29 34.66
C ALA A 78 -1.19 -31.15 34.82
N SER A 79 -2.00 -31.23 33.74
CA SER A 79 -3.19 -32.07 33.58
C SER A 79 -3.60 -32.10 32.09
N ALA A 80 -4.26 -33.17 31.66
CA ALA A 80 -4.71 -33.34 30.28
C ALA A 80 -5.96 -34.21 30.28
N HIS A 81 -7.03 -33.69 29.68
CA HIS A 81 -8.30 -34.40 29.59
C HIS A 81 -8.93 -34.10 28.24
N TYR A 82 -9.80 -35.00 27.77
CA TYR A 82 -10.49 -34.82 26.52
C TYR A 82 -11.99 -34.83 26.76
N ILE A 83 -12.73 -34.16 25.89
CA ILE A 83 -14.19 -34.17 25.86
C ILE A 83 -14.48 -34.30 24.38
N ALA A 84 -15.16 -35.38 23.97
CA ALA A 84 -15.46 -35.70 22.57
C ALA A 84 -16.84 -35.21 22.16
N GLY A 85 -16.93 -34.64 20.96
CA GLY A 85 -18.19 -34.16 20.42
C GLY A 85 -18.04 -33.45 19.10
N THR A 86 -19.16 -33.19 18.42
CA THR A 86 -19.15 -32.48 17.15
C THR A 86 -19.48 -31.02 17.31
N MET A 87 -18.66 -30.18 16.68
CA MET A 87 -18.87 -28.74 16.68
C MET A 87 -19.96 -28.29 15.68
N GLU A 88 -20.65 -29.26 15.04
CA GLU A 88 -21.85 -29.00 14.23
C GLU A 88 -22.99 -28.72 15.19
N ASP A 89 -22.84 -29.18 16.45
CA ASP A 89 -23.83 -29.11 17.53
C ASP A 89 -23.45 -27.98 18.47
N MET A 90 -24.21 -26.88 18.41
CA MET A 90 -23.97 -25.67 19.20
C MET A 90 -24.19 -25.88 20.69
N THR A 91 -25.08 -26.83 21.07
CA THR A 91 -25.31 -27.16 22.48
C THR A 91 -24.03 -27.83 23.03
N PHE A 92 -23.44 -28.77 22.26
CA PHE A 92 -22.19 -29.42 22.64
C PHE A 92 -21.11 -28.37 22.85
N ALA A 93 -20.95 -27.45 21.90
CA ALA A 93 -19.94 -26.37 21.95
C ALA A 93 -20.06 -25.57 23.26
N GLU A 94 -21.28 -25.16 23.63
CA GLU A 94 -21.57 -24.39 24.84
C GLU A 94 -21.29 -25.22 26.09
N GLN A 95 -21.78 -26.47 26.14
CA GLN A 95 -21.59 -27.36 27.29
C GLN A 95 -20.13 -27.79 27.43
N PHE A 96 -19.43 -27.94 26.29
CA PHE A 96 -18.01 -28.30 26.30
C PHE A 96 -17.20 -27.25 27.09
N VAL A 97 -17.39 -25.96 26.79
CA VAL A 97 -16.67 -24.88 27.45
C VAL A 97 -16.91 -24.86 28.96
N ALA A 98 -18.18 -24.97 29.37
CA ALA A 98 -18.59 -24.99 30.78
C ALA A 98 -17.91 -26.17 31.49
N GLN A 99 -17.95 -27.38 30.87
CA GLN A 99 -17.33 -28.58 31.43
C GLN A 99 -15.81 -28.45 31.59
N ALA A 100 -15.11 -28.05 30.51
CA ALA A 100 -13.66 -27.89 30.48
C ALA A 100 -13.19 -26.86 31.52
N GLY A 101 -13.90 -25.73 31.59
CA GLY A 101 -13.57 -24.67 32.52
C GLY A 101 -13.83 -25.08 33.96
N LYS A 102 -14.94 -25.80 34.22
CA LYS A 102 -15.24 -26.28 35.56
C LYS A 102 -14.20 -27.33 36.00
N LEU A 103 -13.71 -28.14 35.05
CA LEU A 103 -12.68 -29.15 35.36
C LEU A 103 -11.36 -28.50 35.75
N MET A 104 -10.90 -27.50 34.98
CA MET A 104 -9.63 -26.84 35.24
C MET A 104 -9.74 -25.75 36.31
N GLY A 105 -10.96 -25.38 36.68
CA GLY A 105 -11.20 -24.32 37.64
C GLY A 105 -10.96 -22.93 37.05
N GLY A 106 -11.21 -22.80 35.75
CA GLY A 106 -11.05 -21.55 35.02
C GLY A 106 -10.52 -21.76 33.62
N LEU A 107 -10.21 -20.66 32.93
CA LEU A 107 -9.68 -20.68 31.57
C LEU A 107 -8.87 -19.43 31.31
N ASP A 108 -7.63 -19.62 30.85
CA ASP A 108 -6.66 -18.58 30.51
C ASP A 108 -6.58 -18.37 29.00
N MET A 109 -6.74 -19.48 28.23
CA MET A 109 -6.58 -19.40 26.78
C MET A 109 -7.49 -20.39 26.05
N LEU A 110 -8.19 -19.88 25.02
CA LEU A 110 -9.10 -20.63 24.18
C LEU A 110 -8.51 -20.67 22.76
N ILE A 111 -8.07 -21.86 22.33
CA ILE A 111 -7.49 -22.02 21.01
C ILE A 111 -8.52 -22.70 20.12
N LEU A 112 -9.03 -21.92 19.14
CA LEU A 112 -10.09 -22.33 18.20
C LEU A 112 -9.42 -22.73 16.88
N ASN A 113 -9.38 -24.04 16.63
CA ASN A 113 -8.61 -24.62 15.54
C ASN A 113 -9.35 -25.63 14.67
N HIS A 114 -10.41 -26.29 15.20
CA HIS A 114 -11.16 -27.28 14.43
C HIS A 114 -11.78 -26.74 13.15
N ILE A 115 -11.91 -27.63 12.15
CA ILE A 115 -12.60 -27.33 10.89
C ILE A 115 -13.36 -28.57 10.46
N THR A 116 -14.40 -28.40 9.64
CA THR A 116 -15.15 -29.50 9.06
C THR A 116 -14.30 -30.11 7.93
N ASN A 117 -14.52 -31.39 7.62
CA ASN A 117 -13.82 -32.10 6.55
C ASN A 117 -13.97 -31.35 5.23
N THR A 118 -12.82 -31.07 4.59
CA THR A 118 -12.67 -30.25 3.38
C THR A 118 -11.76 -30.93 2.33
N SER A 119 -12.12 -30.78 1.04
CA SER A 119 -11.38 -31.29 -0.13
C SER A 119 -11.12 -30.12 -1.09
N LEU A 120 -10.14 -30.26 -2.00
CA LEU A 120 -10.01 -29.22 -3.01
C LEU A 120 -10.96 -29.64 -4.13
N ASN A 121 -11.99 -28.83 -4.36
CA ASN A 121 -12.97 -29.09 -5.41
C ASN A 121 -13.52 -27.80 -5.90
N LEU A 122 -13.83 -27.72 -7.21
CA LEU A 122 -14.47 -26.54 -7.77
C LEU A 122 -15.89 -26.52 -7.19
N PHE A 123 -16.38 -25.34 -6.81
CA PHE A 123 -17.73 -25.23 -6.27
C PHE A 123 -18.70 -25.80 -7.30
N HIS A 124 -19.63 -26.68 -6.87
CA HIS A 124 -20.53 -27.40 -7.78
C HIS A 124 -21.95 -27.56 -7.21
N ASP A 125 -22.63 -26.43 -6.87
CA ASP A 125 -23.99 -26.46 -6.32
C ASP A 125 -24.09 -27.08 -4.92
N ASP A 126 -22.95 -27.43 -4.31
CA ASP A 126 -22.91 -28.02 -2.97
C ASP A 126 -23.09 -26.98 -1.84
N ILE A 127 -24.30 -26.42 -1.74
CA ILE A 127 -24.71 -25.46 -0.71
C ILE A 127 -24.57 -26.07 0.70
N HIS A 128 -24.88 -27.36 0.85
CA HIS A 128 -24.78 -28.07 2.13
C HIS A 128 -23.37 -27.95 2.71
N HIS A 129 -22.34 -28.04 1.84
CA HIS A 129 -20.95 -27.90 2.25
C HIS A 129 -20.62 -26.46 2.63
N VAL A 130 -21.23 -25.48 1.96
CA VAL A 130 -21.04 -24.06 2.29
C VAL A 130 -21.63 -23.76 3.68
N ARG A 131 -22.84 -24.26 3.94
CA ARG A 131 -23.51 -24.06 5.23
C ARG A 131 -22.76 -24.79 6.32
N LYS A 132 -22.34 -26.06 6.08
CA LYS A 132 -21.62 -26.83 7.11
C LYS A 132 -20.31 -26.13 7.46
N SER A 133 -19.57 -25.66 6.42
CA SER A 133 -18.33 -24.92 6.62
C SER A 133 -18.61 -23.67 7.47
N MET A 134 -19.70 -22.95 7.19
CA MET A 134 -20.04 -21.75 7.96
C MET A 134 -20.41 -22.08 9.42
N GLU A 135 -21.18 -23.17 9.63
CA GLU A 135 -21.58 -23.61 10.96
C GLU A 135 -20.39 -24.08 11.82
N VAL A 136 -19.56 -24.98 11.27
CA VAL A 136 -18.42 -25.57 11.99
C VAL A 136 -17.22 -24.65 12.10
N ASN A 137 -16.75 -24.10 10.98
CA ASN A 137 -15.52 -23.26 10.95
C ASN A 137 -15.69 -21.88 11.48
N PHE A 138 -16.90 -21.36 11.46
CA PHE A 138 -17.17 -20.00 11.90
C PHE A 138 -18.11 -19.89 13.10
N LEU A 139 -19.39 -20.30 12.95
CA LEU A 139 -20.41 -20.16 14.00
C LEU A 139 -20.07 -20.80 15.32
N SER A 140 -19.56 -22.03 15.29
CA SER A 140 -19.20 -22.73 16.52
C SER A 140 -18.11 -21.95 17.28
N TYR A 141 -17.20 -21.23 16.56
CA TYR A 141 -16.14 -20.40 17.18
C TYR A 141 -16.76 -19.26 17.99
N VAL A 142 -17.86 -18.65 17.46
CA VAL A 142 -18.60 -17.58 18.11
C VAL A 142 -19.26 -18.15 19.38
N VAL A 143 -19.95 -19.31 19.25
CA VAL A 143 -20.63 -19.98 20.37
C VAL A 143 -19.61 -20.30 21.48
N LEU A 144 -18.41 -20.81 21.12
CA LEU A 144 -17.34 -21.16 22.08
C LEU A 144 -16.79 -19.93 22.78
N THR A 145 -16.61 -18.83 22.03
CA THR A 145 -16.13 -17.55 22.55
C THR A 145 -17.16 -16.98 23.55
N VAL A 146 -18.48 -16.97 23.19
CA VAL A 146 -19.56 -16.48 24.09
C VAL A 146 -19.52 -17.29 25.41
N ALA A 147 -19.45 -18.62 25.30
CA ALA A 147 -19.39 -19.54 26.44
C ALA A 147 -18.15 -19.35 27.31
N ALA A 148 -16.99 -19.01 26.70
CA ALA A 148 -15.71 -18.85 27.40
C ALA A 148 -15.47 -17.45 27.95
N LEU A 149 -16.08 -16.42 27.35
CA LEU A 149 -15.85 -15.02 27.74
C LEU A 149 -15.89 -14.68 29.25
N PRO A 150 -16.93 -15.06 30.04
CA PRO A 150 -16.87 -14.75 31.49
C PRO A 150 -15.61 -15.29 32.19
N MET A 151 -15.20 -16.55 31.90
CA MET A 151 -13.97 -17.10 32.49
C MET A 151 -12.72 -16.37 31.99
N LEU A 152 -12.67 -16.01 30.68
CA LEU A 152 -11.51 -15.30 30.12
C LEU A 152 -11.41 -13.87 30.63
N LYS A 153 -12.55 -13.26 30.96
CA LYS A 153 -12.58 -11.90 31.54
C LYS A 153 -11.98 -11.93 32.96
N GLN A 154 -12.22 -13.03 33.70
CA GLN A 154 -11.75 -13.27 35.06
C GLN A 154 -10.23 -13.40 35.12
N SER A 155 -9.63 -14.01 34.07
CA SER A 155 -8.19 -14.26 34.01
C SER A 155 -7.43 -13.26 33.14
N ASN A 156 -8.15 -12.34 32.44
CA ASN A 156 -7.61 -11.41 31.42
C ASN A 156 -6.94 -12.31 30.37
N GLY A 157 -7.69 -13.34 29.97
CA GLY A 157 -7.25 -14.40 29.07
C GLY A 157 -7.11 -14.05 27.62
N SER A 158 -7.03 -15.08 26.79
CA SER A 158 -6.78 -14.93 25.36
C SER A 158 -7.57 -15.89 24.50
N ILE A 159 -7.98 -15.39 23.33
CA ILE A 159 -8.68 -16.15 22.29
C ILE A 159 -7.73 -16.23 21.13
N VAL A 160 -7.45 -17.45 20.67
CA VAL A 160 -6.58 -17.70 19.53
C VAL A 160 -7.45 -18.32 18.48
N VAL A 161 -7.47 -17.68 17.31
CA VAL A 161 -8.33 -18.09 16.21
C VAL A 161 -7.43 -18.50 15.07
N VAL A 162 -7.46 -19.80 14.76
CA VAL A 162 -6.64 -20.34 13.70
C VAL A 162 -7.35 -20.12 12.37
N SER A 163 -6.73 -19.30 11.52
CA SER A 163 -7.24 -19.03 10.20
C SER A 163 -6.25 -19.47 9.12
N SER A 164 -6.29 -18.86 7.94
CA SER A 164 -5.51 -19.32 6.81
C SER A 164 -5.19 -18.18 5.89
N LEU A 165 -4.21 -18.39 4.96
CA LEU A 165 -3.89 -17.47 3.87
C LEU A 165 -5.18 -17.34 3.01
N ALA A 166 -5.94 -18.45 2.87
CA ALA A 166 -7.23 -18.52 2.17
C ALA A 166 -8.34 -17.75 2.97
N GLY A 167 -7.98 -17.20 4.13
CA GLY A 167 -8.82 -16.33 4.95
C GLY A 167 -8.44 -14.86 4.78
N LYS A 168 -7.51 -14.57 3.84
CA LYS A 168 -7.04 -13.19 3.56
C LYS A 168 -7.01 -12.89 2.07
N VAL A 169 -6.83 -13.93 1.24
CA VAL A 169 -6.74 -13.85 -0.21
C VAL A 169 -7.62 -14.93 -0.82
N ALA A 170 -7.96 -14.80 -2.10
CA ALA A 170 -8.83 -15.75 -2.79
C ALA A 170 -8.02 -16.85 -3.48
N TYR A 171 -8.46 -18.09 -3.27
CA TYR A 171 -7.89 -19.25 -3.95
C TYR A 171 -8.99 -20.08 -4.56
N PRO A 172 -8.81 -20.58 -5.80
CA PRO A 172 -9.81 -21.49 -6.36
C PRO A 172 -9.81 -22.81 -5.58
N MET A 173 -10.96 -23.54 -5.62
CA MET A 173 -11.12 -24.89 -5.06
C MET A 173 -11.38 -25.01 -3.58
N VAL A 174 -11.43 -23.88 -2.84
CA VAL A 174 -11.71 -23.86 -1.39
C VAL A 174 -12.69 -22.71 -1.08
N ALA A 175 -13.65 -22.46 -1.98
CA ALA A 175 -14.62 -21.36 -1.82
C ALA A 175 -15.41 -21.37 -0.49
N ALA A 176 -16.02 -22.50 -0.12
CA ALA A 176 -16.76 -22.60 1.15
C ALA A 176 -15.83 -22.38 2.33
N TYR A 177 -14.65 -23.04 2.30
CA TYR A 177 -13.66 -22.94 3.37
C TYR A 177 -13.17 -21.49 3.49
N SER A 178 -12.87 -20.87 2.34
CA SER A 178 -12.40 -19.49 2.28
C SER A 178 -13.45 -18.53 2.85
N ALA A 179 -14.73 -18.71 2.48
CA ALA A 179 -15.81 -17.88 3.01
C ALA A 179 -15.82 -17.91 4.54
N SER A 180 -15.71 -19.12 5.13
CA SER A 180 -15.73 -19.32 6.58
C SER A 180 -14.53 -18.67 7.31
N LYS A 181 -13.34 -18.74 6.71
CA LYS A 181 -12.11 -18.16 7.24
C LYS A 181 -12.14 -16.63 7.16
N PHE A 182 -12.61 -16.08 6.03
CA PHE A 182 -12.82 -14.62 5.85
C PHE A 182 -13.80 -14.10 6.92
N ALA A 183 -14.92 -14.83 7.14
CA ALA A 183 -15.92 -14.51 8.17
C ALA A 183 -15.26 -14.42 9.55
N LEU A 184 -14.31 -15.32 9.86
CA LEU A 184 -13.58 -15.26 11.14
C LEU A 184 -12.86 -13.90 11.30
N ASP A 185 -12.19 -13.41 10.24
CA ASP A 185 -11.48 -12.12 10.29
C ASP A 185 -12.47 -10.98 10.59
N GLY A 186 -13.55 -10.88 9.80
CA GLY A 186 -14.56 -9.86 9.99
C GLY A 186 -15.14 -9.87 11.39
N PHE A 187 -15.53 -11.07 11.89
CA PHE A 187 -16.12 -11.15 13.23
C PHE A 187 -15.13 -10.86 14.35
N PHE A 188 -14.02 -11.60 14.39
CA PHE A 188 -13.04 -11.44 15.48
C PHE A 188 -12.30 -10.12 15.48
N SER A 189 -12.01 -9.56 14.29
CA SER A 189 -11.35 -8.25 14.19
C SER A 189 -12.31 -7.13 14.62
N SER A 190 -13.64 -7.31 14.39
N SER A 190 -13.63 -7.32 14.38
CA SER A 190 -14.65 -6.33 14.80
CA SER A 190 -14.62 -6.32 14.79
C SER A 190 -14.81 -6.32 16.32
C SER A 190 -14.86 -6.33 16.30
N ILE A 191 -14.95 -7.51 16.93
CA ILE A 191 -15.09 -7.64 18.40
C ILE A 191 -13.82 -7.17 19.14
N ARG A 192 -12.65 -7.33 18.52
CA ARG A 192 -11.39 -6.87 19.09
C ARG A 192 -11.45 -5.33 19.28
N LYS A 193 -11.94 -4.58 18.27
CA LYS A 193 -12.14 -3.12 18.35
C LYS A 193 -13.10 -2.82 19.49
N GLU A 194 -14.20 -3.61 19.62
CA GLU A 194 -15.19 -3.45 20.69
C GLU A 194 -14.58 -3.69 22.07
N TYR A 195 -13.76 -4.75 22.23
CA TYR A 195 -13.10 -5.07 23.49
C TYR A 195 -12.13 -3.95 23.89
N SER A 196 -11.46 -3.35 22.91
CA SER A 196 -10.52 -2.26 23.15
C SER A 196 -11.22 -1.01 23.74
N VAL A 197 -12.39 -0.61 23.18
CA VAL A 197 -13.15 0.56 23.62
C VAL A 197 -13.99 0.35 24.90
N SER A 198 -14.40 -0.90 25.17
CA SER A 198 -15.22 -1.26 26.33
C SER A 198 -14.36 -1.83 27.47
N ARG A 199 -13.02 -1.76 27.30
CA ARG A 199 -12.02 -2.23 28.26
C ARG A 199 -12.17 -3.71 28.68
N VAL A 200 -12.45 -4.58 27.70
CA VAL A 200 -12.52 -6.03 27.93
C VAL A 200 -11.07 -6.49 27.72
N ASN A 201 -10.42 -6.91 28.80
CA ASN A 201 -9.02 -7.30 28.78
C ASN A 201 -8.77 -8.73 28.31
N VAL A 202 -9.37 -9.10 27.17
CA VAL A 202 -9.24 -10.43 26.57
C VAL A 202 -8.64 -10.19 25.20
N SER A 203 -7.45 -10.74 24.91
CA SER A 203 -6.82 -10.51 23.62
C SER A 203 -7.36 -11.47 22.57
N ILE A 204 -7.31 -11.05 21.31
CA ILE A 204 -7.77 -11.86 20.19
C ILE A 204 -6.64 -11.97 19.18
N THR A 205 -6.21 -13.20 18.90
CA THR A 205 -5.13 -13.44 17.95
C THR A 205 -5.67 -14.23 16.77
N LEU A 206 -5.54 -13.67 15.56
CA LEU A 206 -5.91 -14.32 14.30
C LEU A 206 -4.62 -14.87 13.67
N CYS A 207 -4.58 -16.20 13.42
CA CYS A 207 -3.37 -16.81 12.86
C CYS A 207 -3.56 -17.11 11.41
N VAL A 208 -2.75 -16.48 10.55
CA VAL A 208 -2.81 -16.61 9.09
C VAL A 208 -1.72 -17.57 8.67
N LEU A 209 -2.13 -18.82 8.34
CA LEU A 209 -1.22 -19.90 7.97
C LEU A 209 -1.19 -20.23 6.51
N GLY A 210 0.03 -20.41 6.01
CA GLY A 210 0.25 -20.93 4.67
C GLY A 210 0.16 -22.44 4.75
N LEU A 211 0.46 -23.17 3.67
CA LEU A 211 0.37 -24.61 3.66
C LEU A 211 1.27 -25.26 4.75
N ILE A 212 0.67 -26.16 5.55
CA ILE A 212 1.31 -26.86 6.68
C ILE A 212 1.30 -28.35 6.38
N ASP A 213 2.39 -29.06 6.74
CA ASP A 213 2.56 -30.50 6.47
C ASP A 213 1.71 -31.47 7.29
N THR A 214 0.46 -31.09 7.63
CA THR A 214 -0.40 -32.01 8.38
C THR A 214 -0.79 -33.13 7.42
N GLU A 215 -1.08 -34.32 7.94
CA GLU A 215 -1.48 -35.47 7.14
C GLU A 215 -2.71 -35.13 6.31
N THR A 216 -3.67 -34.37 6.88
CA THR A 216 -4.88 -33.95 6.12
C THR A 216 -4.51 -33.02 4.94
N ALA A 217 -3.67 -32.01 5.17
CA ALA A 217 -3.27 -31.07 4.10
C ALA A 217 -2.50 -31.81 2.98
N MET A 218 -1.52 -32.66 3.34
CA MET A 218 -0.73 -33.43 2.37
C MET A 218 -1.62 -34.36 1.52
N LYS A 219 -2.63 -35.01 2.12
CA LYS A 219 -3.58 -35.85 1.39
C LYS A 219 -4.45 -35.00 0.43
N ALA A 220 -4.97 -33.86 0.90
CA ALA A 220 -5.84 -33.01 0.09
C ALA A 220 -5.17 -32.24 -1.06
N VAL A 221 -3.90 -31.87 -0.92
CA VAL A 221 -3.20 -31.04 -1.92
C VAL A 221 -2.32 -31.77 -2.91
N SER A 222 -1.61 -32.82 -2.49
CA SER A 222 -0.79 -33.62 -3.40
C SER A 222 -1.83 -34.52 -4.15
N GLY A 223 -1.84 -34.50 -5.48
CA GLY A 223 -0.92 -33.75 -6.33
C GLY A 223 -1.63 -32.80 -7.27
N ILE A 224 -2.63 -32.06 -6.75
CA ILE A 224 -3.32 -31.06 -7.56
C ILE A 224 -2.47 -29.78 -7.58
N VAL A 225 -1.67 -29.58 -6.52
CA VAL A 225 -0.83 -28.39 -6.32
C VAL A 225 0.62 -28.72 -5.96
N HIS A 226 1.56 -27.83 -6.37
CA HIS A 226 2.98 -27.99 -6.10
C HIS A 226 3.57 -26.80 -5.37
N MET A 227 3.79 -26.97 -4.05
CA MET A 227 4.37 -25.96 -3.15
C MET A 227 4.86 -26.57 -1.83
N GLN A 228 5.82 -25.88 -1.19
CA GLN A 228 6.44 -26.28 0.07
C GLN A 228 5.48 -26.15 1.27
N ALA A 229 5.33 -27.23 2.04
CA ALA A 229 4.53 -27.27 3.25
C ALA A 229 5.44 -27.01 4.42
N ALA A 230 5.04 -26.10 5.32
CA ALA A 230 5.82 -25.73 6.49
C ALA A 230 5.62 -26.73 7.65
N PRO A 231 6.63 -26.91 8.54
CA PRO A 231 6.49 -27.90 9.63
C PRO A 231 5.38 -27.59 10.63
N LYS A 232 4.52 -28.58 10.87
CA LYS A 232 3.40 -28.48 11.83
C LYS A 232 3.82 -28.23 13.27
N GLU A 233 4.99 -28.76 13.69
CA GLU A 233 5.50 -28.61 15.06
C GLU A 233 5.84 -27.15 15.33
N GLU A 234 6.60 -26.52 14.42
CA GLU A 234 7.00 -25.11 14.52
C GLU A 234 5.76 -24.18 14.35
N CYS A 235 4.83 -24.53 13.43
CA CYS A 235 3.57 -23.79 13.23
C CYS A 235 2.78 -23.71 14.55
N ALA A 236 2.60 -24.85 15.19
CA ALA A 236 1.90 -24.96 16.47
C ALA A 236 2.51 -24.07 17.55
N LEU A 237 3.86 -24.03 17.63
CA LEU A 237 4.58 -23.23 18.61
C LEU A 237 4.39 -21.75 18.36
N GLU A 238 4.47 -21.32 17.10
CA GLU A 238 4.29 -19.93 16.70
C GLU A 238 2.87 -19.42 17.03
N ILE A 239 1.85 -20.30 16.94
CA ILE A 239 0.45 -19.94 17.27
C ILE A 239 0.36 -19.65 18.76
N ILE A 240 0.95 -20.55 19.57
CA ILE A 240 1.02 -20.44 21.03
C ILE A 240 1.78 -19.16 21.43
N LYS A 241 2.96 -18.90 20.82
CA LYS A 241 3.76 -17.71 21.10
C LYS A 241 2.95 -16.44 20.86
N GLY A 242 2.31 -16.34 19.69
CA GLY A 242 1.47 -15.20 19.31
C GLY A 242 0.33 -14.94 20.27
N GLY A 243 -0.35 -16.02 20.63
CA GLY A 243 -1.45 -15.95 21.59
C GLY A 243 -0.97 -15.53 22.97
N ALA A 244 0.16 -16.10 23.42
CA ALA A 244 0.74 -15.81 24.73
C ALA A 244 1.20 -14.37 24.78
N LEU A 245 1.77 -13.86 23.67
CA LEU A 245 2.25 -12.47 23.54
C LEU A 245 1.14 -11.47 23.23
N ARG A 246 -0.13 -11.95 23.12
CA ARG A 246 -1.34 -11.16 22.85
C ARG A 246 -1.24 -10.36 21.53
N GLN A 247 -0.57 -10.93 20.51
CA GLN A 247 -0.45 -10.27 19.20
C GLN A 247 -1.80 -10.36 18.51
N GLU A 248 -2.14 -9.35 17.73
CA GLU A 248 -3.41 -9.32 16.99
C GLU A 248 -3.40 -10.38 15.90
N GLU A 249 -2.27 -10.49 15.17
CA GLU A 249 -2.17 -11.44 14.07
C GLU A 249 -0.82 -12.16 14.07
N VAL A 250 -0.84 -13.48 13.82
CA VAL A 250 0.34 -14.34 13.69
C VAL A 250 0.38 -14.80 12.24
N TYR A 251 1.54 -14.69 11.60
CA TYR A 251 1.73 -15.12 10.22
C TYR A 251 2.69 -16.29 10.21
N TYR A 252 2.33 -17.38 9.53
CA TYR A 252 3.22 -18.52 9.44
C TYR A 252 3.15 -19.19 8.07
N ASP A 253 4.27 -19.21 7.36
CA ASP A 253 4.40 -19.79 6.02
C ASP A 253 5.84 -20.27 5.80
N SER A 254 6.06 -21.16 4.82
CA SER A 254 7.39 -21.69 4.42
C SER A 254 8.31 -20.54 4.04
N SER A 255 7.75 -19.56 3.31
CA SER A 255 8.42 -18.39 2.77
C SER A 255 8.25 -17.12 3.61
N LEU A 256 9.36 -16.42 3.91
CA LEU A 256 9.35 -15.14 4.63
C LEU A 256 8.72 -14.04 3.77
N TRP A 257 8.80 -14.18 2.44
CA TRP A 257 8.23 -13.26 1.47
C TRP A 257 6.70 -13.20 1.60
N THR A 258 6.05 -14.37 1.87
CA THR A 258 4.62 -14.48 2.10
C THR A 258 4.23 -13.64 3.31
N THR A 259 4.98 -13.76 4.42
CA THR A 259 4.71 -13.02 5.67
C THR A 259 4.73 -11.49 5.46
N LEU A 260 5.63 -11.00 4.60
CA LEU A 260 5.76 -9.59 4.22
C LEU A 260 4.51 -9.10 3.42
N LEU A 261 3.94 -10.00 2.59
CA LEU A 261 2.79 -9.70 1.75
C LEU A 261 1.43 -9.81 2.46
N ILE A 262 1.34 -10.54 3.59
CA ILE A 262 0.07 -10.69 4.33
C ILE A 262 -0.33 -9.36 4.99
N ARG A 263 0.66 -8.60 5.49
CA ARG A 263 0.41 -7.34 6.19
C ARG A 263 -0.43 -6.41 5.32
N ASN A 264 -1.45 -5.79 5.93
CA ASN A 264 -2.29 -4.84 5.22
C ASN A 264 -2.25 -3.50 5.95
N PRO A 265 -1.16 -2.71 5.81
CA PRO A 265 -1.11 -1.39 6.53
C PRO A 265 -2.22 -0.42 6.14
N SER A 266 -2.71 -0.45 4.87
CA SER A 266 -3.81 0.44 4.44
C SER A 266 -5.08 0.17 5.25
N ARG A 267 -5.39 -1.13 5.47
CA ARG A 267 -6.55 -1.58 6.28
C ARG A 267 -6.44 -0.97 7.69
N LYS A 268 -5.24 -1.00 8.29
CA LYS A 268 -5.01 -0.45 9.61
C LYS A 268 -5.20 1.07 9.67
N ILE A 269 -4.83 1.80 8.61
CA ILE A 269 -5.01 3.25 8.52
C ILE A 269 -6.53 3.53 8.45
N LEU A 270 -7.23 2.87 7.51
CA LEU A 270 -8.67 2.99 7.34
C LEU A 270 -9.43 2.71 8.62
N GLU A 271 -9.05 1.65 9.35
CA GLU A 271 -9.66 1.30 10.64
C GLU A 271 -9.49 2.42 11.67
N PHE A 272 -8.28 3.01 11.77
CA PHE A 272 -8.02 4.11 12.70
C PHE A 272 -8.82 5.36 12.28
N LEU A 273 -8.82 5.68 10.98
CA LEU A 273 -9.58 6.79 10.44
C LEU A 273 -11.09 6.68 10.79
N TYR A 274 -11.71 5.51 10.48
CA TYR A 274 -13.14 5.27 10.73
C TYR A 274 -13.48 5.25 12.22
N SER A 275 -12.50 4.84 13.07
CA SER A 275 -12.66 4.78 14.54
C SER A 275 -13.09 6.12 15.16
N THR A 276 -12.52 7.24 14.65
CA THR A 276 -12.78 8.61 15.12
C THR A 276 -14.19 9.15 14.82
N SER A 277 -14.95 8.45 13.97
CA SER A 277 -16.33 8.84 13.65
C SER A 277 -17.32 8.39 14.73
N TYR A 278 -16.92 7.39 15.54
CA TYR A 278 -17.72 6.78 16.60
C TYR A 278 -17.76 7.65 17.85
N ASN A 279 -18.93 7.72 18.48
CA ASN A 279 -19.16 8.50 19.70
C ASN A 279 -18.89 7.63 20.93
N GLN B 14 -11.97 -11.61 -13.72
CA GLN B 14 -12.35 -11.68 -15.14
C GLN B 14 -11.78 -10.51 -15.96
N GLN B 15 -12.03 -10.52 -17.28
CA GLN B 15 -11.60 -9.46 -18.19
C GLN B 15 -12.67 -8.37 -18.24
N PRO B 16 -12.36 -7.13 -17.79
CA PRO B 16 -13.38 -6.07 -17.87
C PRO B 16 -13.53 -5.56 -19.29
N LEU B 17 -14.66 -4.89 -19.59
CA LEU B 17 -14.88 -4.33 -20.92
C LEU B 17 -14.10 -3.01 -20.98
N ASN B 18 -13.06 -2.94 -21.85
CA ASN B 18 -12.26 -1.72 -22.02
C ASN B 18 -13.10 -0.76 -22.87
N GLU B 19 -14.11 -0.19 -22.20
CA GLU B 19 -15.11 0.71 -22.77
C GLU B 19 -15.56 1.67 -21.71
N GLU B 20 -16.16 2.78 -22.15
CA GLU B 20 -16.78 3.77 -21.30
C GLU B 20 -18.19 3.24 -21.06
N PHE B 21 -18.82 3.62 -19.94
CA PHE B 21 -20.18 3.18 -19.71
C PHE B 21 -21.17 4.02 -20.50
N ARG B 22 -22.17 3.37 -21.07
CA ARG B 22 -23.26 4.08 -21.74
C ARG B 22 -24.59 3.44 -21.34
N PRO B 23 -25.63 4.24 -20.98
CA PRO B 23 -26.91 3.67 -20.54
C PRO B 23 -27.54 2.63 -21.47
N GLU B 24 -27.32 2.77 -22.80
CA GLU B 24 -27.82 1.84 -23.84
C GLU B 24 -27.38 0.40 -23.56
N MET B 25 -26.30 0.22 -22.76
CA MET B 25 -25.79 -1.11 -22.38
C MET B 25 -26.80 -1.95 -21.62
N LEU B 26 -27.75 -1.30 -20.90
CA LEU B 26 -28.77 -2.01 -20.11
C LEU B 26 -30.12 -2.12 -20.80
N GLN B 27 -30.27 -1.51 -22.01
CA GLN B 27 -31.53 -1.55 -22.75
C GLN B 27 -31.93 -2.96 -23.13
N GLY B 28 -33.11 -3.38 -22.67
CA GLY B 28 -33.62 -4.73 -22.93
C GLY B 28 -32.94 -5.82 -22.12
N LYS B 29 -31.95 -5.48 -21.27
CA LYS B 29 -31.27 -6.47 -20.41
C LYS B 29 -32.22 -6.96 -19.31
N LYS B 30 -32.09 -8.26 -18.95
CA LYS B 30 -32.94 -8.91 -17.93
C LYS B 30 -32.20 -8.92 -16.59
N VAL B 31 -32.67 -8.06 -15.67
CA VAL B 31 -31.99 -7.84 -14.41
C VAL B 31 -32.85 -8.18 -13.19
N ILE B 32 -32.25 -8.90 -12.24
CA ILE B 32 -32.84 -9.18 -10.93
C ILE B 32 -32.19 -8.18 -9.96
N VAL B 33 -33.00 -7.54 -9.11
CA VAL B 33 -32.47 -6.70 -8.05
C VAL B 33 -33.10 -7.18 -6.74
N THR B 34 -32.26 -7.67 -5.80
CA THR B 34 -32.77 -8.10 -4.47
C THR B 34 -32.72 -6.92 -3.51
N GLY B 35 -33.51 -6.98 -2.44
CA GLY B 35 -33.58 -5.91 -1.44
C GLY B 35 -33.83 -4.58 -2.12
N ALA B 36 -34.75 -4.60 -3.10
CA ALA B 36 -35.07 -3.44 -3.95
C ALA B 36 -36.34 -2.69 -3.55
N SER B 37 -36.85 -2.94 -2.35
CA SER B 37 -38.04 -2.22 -1.86
C SER B 37 -37.63 -0.87 -1.30
N LYS B 38 -36.33 -0.70 -0.96
CA LYS B 38 -35.80 0.53 -0.39
C LYS B 38 -34.30 0.73 -0.59
N GLY B 39 -33.79 1.86 -0.12
CA GLY B 39 -32.39 2.24 -0.16
C GLY B 39 -31.72 2.12 -1.51
N ILE B 40 -30.53 1.51 -1.53
CA ILE B 40 -29.73 1.31 -2.74
C ILE B 40 -30.41 0.42 -3.79
N GLY B 41 -31.08 -0.63 -3.33
CA GLY B 41 -31.77 -1.55 -4.23
C GLY B 41 -32.83 -0.86 -5.07
N ARG B 42 -33.66 -0.04 -4.43
CA ARG B 42 -34.73 0.76 -5.06
C ARG B 42 -34.14 1.73 -6.10
N GLU B 43 -33.04 2.41 -5.72
CA GLU B 43 -32.31 3.33 -6.61
C GLU B 43 -31.73 2.61 -7.82
N MET B 44 -31.27 1.33 -7.63
CA MET B 44 -30.77 0.53 -8.75
C MET B 44 -31.89 0.18 -9.72
N ALA B 45 -33.06 -0.24 -9.19
CA ALA B 45 -34.23 -0.57 -9.97
C ALA B 45 -34.72 0.65 -10.84
N TYR B 46 -34.64 1.88 -10.28
CA TYR B 46 -35.00 3.14 -10.94
C TYR B 46 -34.04 3.46 -12.08
N HIS B 47 -32.72 3.37 -11.84
CA HIS B 47 -31.71 3.57 -12.89
C HIS B 47 -31.91 2.56 -14.02
N LEU B 48 -32.14 1.28 -13.67
CA LEU B 48 -32.37 0.21 -14.66
C LEU B 48 -33.65 0.45 -15.48
N ALA B 49 -34.70 0.93 -14.83
CA ALA B 49 -35.97 1.25 -15.48
C ALA B 49 -35.75 2.38 -16.50
N LYS B 50 -35.08 3.47 -16.08
CA LYS B 50 -34.72 4.61 -16.95
C LYS B 50 -33.90 4.16 -18.19
N MET B 51 -33.12 3.06 -18.07
CA MET B 51 -32.31 2.52 -19.16
C MET B 51 -33.12 1.59 -20.08
N GLY B 52 -34.38 1.34 -19.73
CA GLY B 52 -35.25 0.47 -20.52
C GLY B 52 -34.96 -1.00 -20.33
N ALA B 53 -34.48 -1.39 -19.12
CA ALA B 53 -34.20 -2.79 -18.85
C ALA B 53 -35.45 -3.50 -18.40
N HIS B 54 -35.45 -4.84 -18.45
CA HIS B 54 -36.48 -5.68 -17.86
C HIS B 54 -35.95 -5.88 -16.44
N VAL B 55 -36.82 -5.64 -15.46
CA VAL B 55 -36.43 -5.71 -14.05
C VAL B 55 -37.37 -6.60 -13.23
N VAL B 56 -36.80 -7.47 -12.37
CA VAL B 56 -37.57 -8.26 -11.40
C VAL B 56 -36.98 -7.89 -10.04
N VAL B 57 -37.81 -7.28 -9.19
CA VAL B 57 -37.42 -6.83 -7.86
C VAL B 57 -37.96 -7.74 -6.77
N THR B 58 -37.19 -7.84 -5.67
CA THR B 58 -37.63 -8.64 -4.52
C THR B 58 -37.24 -8.01 -3.20
N ALA B 59 -37.96 -8.39 -2.14
CA ALA B 59 -37.89 -8.00 -0.73
C ALA B 59 -39.10 -8.67 -0.04
N ARG B 60 -39.27 -8.48 1.27
CA ARG B 60 -40.39 -9.07 2.01
C ARG B 60 -41.70 -8.29 1.85
N SER B 61 -41.63 -6.95 1.80
CA SER B 61 -42.83 -6.11 1.76
C SER B 61 -43.42 -5.96 0.38
N LYS B 62 -44.53 -6.65 0.13
CA LYS B 62 -45.21 -6.54 -1.17
C LYS B 62 -45.71 -5.13 -1.47
N GLU B 63 -46.21 -4.42 -0.44
CA GLU B 63 -46.72 -3.04 -0.56
C GLU B 63 -45.66 -2.07 -1.06
N THR B 64 -44.42 -2.14 -0.51
CA THR B 64 -43.36 -1.21 -0.92
C THR B 64 -42.83 -1.62 -2.29
N LEU B 65 -42.71 -2.93 -2.53
CA LEU B 65 -42.28 -3.50 -3.82
C LEU B 65 -43.22 -3.06 -4.97
N GLN B 66 -44.55 -2.99 -4.69
CA GLN B 66 -45.57 -2.57 -5.66
C GLN B 66 -45.32 -1.12 -6.06
N LYS B 67 -45.04 -0.26 -5.05
CA LYS B 67 -44.73 1.16 -5.28
C LYS B 67 -43.48 1.30 -6.17
N VAL B 68 -42.43 0.50 -5.90
CA VAL B 68 -41.18 0.49 -6.68
C VAL B 68 -41.47 0.12 -8.16
N VAL B 69 -42.27 -0.93 -8.40
CA VAL B 69 -42.64 -1.37 -9.74
C VAL B 69 -43.44 -0.26 -10.46
N SER B 70 -44.39 0.40 -9.75
CA SER B 70 -45.18 1.48 -10.33
C SER B 70 -44.27 2.54 -10.93
N HIS B 71 -43.30 3.04 -10.12
CA HIS B 71 -42.35 4.06 -10.56
CA HIS B 71 -42.33 4.05 -10.55
C HIS B 71 -41.48 3.52 -11.70
N CYS B 72 -41.02 2.22 -11.62
CA CYS B 72 -40.21 1.60 -12.69
C CYS B 72 -40.92 1.59 -14.06
N LEU B 73 -42.21 1.23 -14.07
CA LEU B 73 -43.04 1.18 -15.28
C LEU B 73 -43.18 2.59 -15.88
N GLU B 74 -43.32 3.59 -15.03
CA GLU B 74 -43.42 4.98 -15.44
C GLU B 74 -42.13 5.54 -15.99
N LEU B 75 -41.00 5.12 -15.41
CA LEU B 75 -39.68 5.56 -15.80
C LEU B 75 -39.26 5.04 -17.16
N GLY B 76 -39.95 4.01 -17.63
CA GLY B 76 -39.69 3.42 -18.94
C GLY B 76 -39.05 2.04 -18.95
N ALA B 77 -39.26 1.21 -17.89
CA ALA B 77 -38.70 -0.17 -17.91
C ALA B 77 -39.38 -0.95 -19.04
N ALA B 78 -38.64 -1.88 -19.70
CA ALA B 78 -39.23 -2.71 -20.75
C ALA B 78 -40.35 -3.56 -20.16
N SER B 79 -40.16 -3.94 -18.89
CA SER B 79 -41.10 -4.66 -18.05
C SER B 79 -40.55 -4.58 -16.62
N ALA B 80 -41.45 -4.66 -15.64
CA ALA B 80 -41.05 -4.62 -14.25
C ALA B 80 -42.02 -5.43 -13.43
N HIS B 81 -41.48 -6.32 -12.62
CA HIS B 81 -42.25 -7.21 -11.77
C HIS B 81 -41.63 -7.29 -10.38
N TYR B 82 -42.43 -7.74 -9.43
CA TYR B 82 -41.97 -7.95 -8.06
C TYR B 82 -42.44 -9.33 -7.61
N ILE B 83 -41.65 -9.99 -6.77
CA ILE B 83 -42.00 -11.26 -6.13
C ILE B 83 -41.58 -11.06 -4.69
N ALA B 84 -42.54 -11.04 -3.75
CA ALA B 84 -42.23 -10.82 -2.34
C ALA B 84 -41.90 -12.10 -1.62
N GLY B 85 -40.98 -12.02 -0.67
CA GLY B 85 -40.60 -13.18 0.13
C GLY B 85 -39.34 -12.98 0.91
N THR B 86 -39.09 -13.89 1.87
CA THR B 86 -37.91 -13.81 2.73
C THR B 86 -36.72 -14.62 2.25
N MET B 87 -35.54 -13.99 2.26
CA MET B 87 -34.30 -14.65 1.86
C MET B 87 -33.70 -15.50 3.01
N GLU B 88 -34.43 -15.57 4.15
CA GLU B 88 -34.15 -16.47 5.26
C GLU B 88 -34.54 -17.86 4.78
N ASP B 89 -35.51 -17.92 3.84
CA ASP B 89 -36.04 -19.18 3.30
C ASP B 89 -35.34 -19.50 1.99
N MET B 90 -34.45 -20.50 2.05
CA MET B 90 -33.64 -20.96 0.91
C MET B 90 -34.47 -21.50 -0.24
N THR B 91 -35.69 -22.02 0.05
CA THR B 91 -36.60 -22.51 -1.00
C THR B 91 -37.15 -21.35 -1.79
N PHE B 92 -37.58 -20.29 -1.10
CA PHE B 92 -38.05 -19.07 -1.77
C PHE B 92 -36.93 -18.53 -2.65
N ALA B 93 -35.68 -18.42 -2.09
CA ALA B 93 -34.49 -17.94 -2.83
C ALA B 93 -34.35 -18.65 -4.16
N GLU B 94 -34.30 -19.99 -4.15
CA GLU B 94 -34.19 -20.80 -5.35
C GLU B 94 -35.41 -20.60 -6.28
N GLN B 95 -36.64 -20.65 -5.74
CA GLN B 95 -37.88 -20.48 -6.53
C GLN B 95 -38.02 -19.09 -7.12
N PHE B 96 -37.57 -18.05 -6.39
CA PHE B 96 -37.62 -16.68 -6.87
C PHE B 96 -36.91 -16.51 -8.22
N VAL B 97 -35.67 -17.04 -8.34
CA VAL B 97 -34.84 -16.93 -9.53
C VAL B 97 -35.49 -17.59 -10.74
N ALA B 98 -35.97 -18.83 -10.57
CA ALA B 98 -36.66 -19.58 -11.64
C ALA B 98 -37.89 -18.78 -12.12
N GLN B 99 -38.66 -18.18 -11.19
CA GLN B 99 -39.84 -17.36 -11.50
C GLN B 99 -39.44 -16.07 -12.20
N ALA B 100 -38.37 -15.39 -11.68
CA ALA B 100 -37.87 -14.15 -12.28
C ALA B 100 -37.42 -14.40 -13.75
N GLY B 101 -36.75 -15.53 -13.98
CA GLY B 101 -36.28 -15.95 -15.30
C GLY B 101 -37.41 -16.24 -16.29
N LYS B 102 -38.52 -16.81 -15.80
CA LYS B 102 -39.69 -17.11 -16.64
C LYS B 102 -40.38 -15.79 -17.03
N LEU B 103 -40.46 -14.82 -16.11
CA LEU B 103 -41.09 -13.53 -16.36
C LEU B 103 -40.37 -12.72 -17.44
N MET B 104 -39.03 -12.80 -17.48
CA MET B 104 -38.22 -12.04 -18.42
C MET B 104 -37.80 -12.84 -19.64
N GLY B 105 -37.90 -14.17 -19.55
CA GLY B 105 -37.47 -15.07 -20.62
C GLY B 105 -35.96 -15.24 -20.62
N GLY B 106 -35.35 -15.20 -19.43
CA GLY B 106 -33.90 -15.31 -19.28
C GLY B 106 -33.30 -14.34 -18.27
N LEU B 107 -31.98 -14.35 -18.13
CA LEU B 107 -31.30 -13.49 -17.18
C LEU B 107 -29.91 -13.04 -17.63
N ASP B 108 -29.65 -11.74 -17.55
CA ASP B 108 -28.38 -11.12 -17.94
C ASP B 108 -27.58 -10.66 -16.75
N MET B 109 -28.27 -10.18 -15.71
CA MET B 109 -27.56 -9.65 -14.54
C MET B 109 -28.31 -9.95 -13.25
N LEU B 110 -27.56 -10.43 -12.24
CA LEU B 110 -28.09 -10.76 -10.92
C LEU B 110 -27.47 -9.80 -9.91
N ILE B 111 -28.29 -8.91 -9.35
CA ILE B 111 -27.77 -7.95 -8.38
C ILE B 111 -28.24 -8.38 -7.00
N LEU B 112 -27.29 -8.91 -6.20
CA LEU B 112 -27.54 -9.39 -4.84
C LEU B 112 -27.21 -8.25 -3.91
N ASN B 113 -28.24 -7.74 -3.24
CA ASN B 113 -28.11 -6.51 -2.46
C ASN B 113 -28.78 -6.56 -1.07
N HIS B 114 -29.78 -7.43 -0.87
CA HIS B 114 -30.51 -7.50 0.41
C HIS B 114 -29.60 -7.89 1.58
N ILE B 115 -30.03 -7.49 2.78
CA ILE B 115 -29.37 -7.81 4.05
C ILE B 115 -30.45 -7.95 5.10
N THR B 116 -30.17 -8.66 6.18
CA THR B 116 -31.08 -8.79 7.32
C THR B 116 -31.00 -7.50 8.13
N ASN B 117 -32.05 -7.20 8.93
CA ASN B 117 -32.10 -6.00 9.76
C ASN B 117 -30.96 -6.00 10.73
N THR B 118 -30.24 -4.90 10.79
CA THR B 118 -29.04 -4.79 11.63
C THR B 118 -28.97 -3.42 12.25
N SER B 119 -28.55 -3.36 13.51
CA SER B 119 -28.41 -2.12 14.25
C SER B 119 -26.94 -2.02 14.73
N LEU B 120 -26.49 -0.84 15.21
CA LEU B 120 -25.11 -0.71 15.71
C LEU B 120 -25.12 -1.05 17.19
N ASN B 121 -24.50 -2.17 17.56
CA ASN B 121 -24.47 -2.63 18.95
C ASN B 121 -23.26 -3.47 19.24
N LEU B 122 -22.74 -3.39 20.46
CA LEU B 122 -21.63 -4.21 20.90
C LEU B 122 -22.10 -5.66 20.89
N PHE B 123 -21.23 -6.58 20.45
CA PHE B 123 -21.59 -7.99 20.45
C PHE B 123 -21.50 -8.52 21.90
N HIS B 124 -22.51 -9.30 22.31
CA HIS B 124 -22.51 -9.93 23.63
C HIS B 124 -22.79 -11.44 23.51
N ASP B 125 -24.05 -11.81 23.29
CA ASP B 125 -24.39 -13.22 23.21
C ASP B 125 -25.43 -13.51 22.15
N ASP B 126 -25.62 -12.56 21.18
CA ASP B 126 -26.65 -12.74 20.16
C ASP B 126 -26.18 -13.60 18.99
N ILE B 127 -26.10 -14.91 19.27
CA ILE B 127 -25.74 -15.95 18.31
C ILE B 127 -26.78 -16.01 17.19
N HIS B 128 -28.08 -15.86 17.52
N HIS B 128 -28.08 -15.85 17.52
CA HIS B 128 -29.17 -15.89 16.53
CA HIS B 128 -29.20 -15.84 16.57
C HIS B 128 -29.06 -14.78 15.47
C HIS B 128 -29.01 -14.79 15.47
N HIS B 129 -28.55 -13.59 15.84
CA HIS B 129 -28.31 -12.50 14.88
C HIS B 129 -27.10 -12.85 13.98
N VAL B 130 -26.03 -13.48 14.57
CA VAL B 130 -24.85 -13.92 13.82
C VAL B 130 -25.28 -14.95 12.80
N ARG B 131 -26.08 -15.94 13.23
CA ARG B 131 -26.56 -16.99 12.31
C ARG B 131 -27.44 -16.41 11.21
N LYS B 132 -28.41 -15.57 11.59
CA LYS B 132 -29.32 -14.97 10.63
C LYS B 132 -28.60 -14.08 9.61
N SER B 133 -27.59 -13.32 10.05
CA SER B 133 -26.80 -12.47 9.17
C SER B 133 -26.09 -13.36 8.17
N MET B 134 -25.51 -14.46 8.65
CA MET B 134 -24.81 -15.39 7.78
C MET B 134 -25.76 -16.04 6.76
N GLU B 135 -26.97 -16.43 7.17
CA GLU B 135 -27.96 -17.07 6.28
C GLU B 135 -28.50 -16.08 5.24
N VAL B 136 -28.94 -14.90 5.70
CA VAL B 136 -29.57 -13.88 4.83
C VAL B 136 -28.56 -13.11 3.98
N ASN B 137 -27.49 -12.58 4.62
CA ASN B 137 -26.49 -11.76 3.92
C ASN B 137 -25.51 -12.54 3.10
N PHE B 138 -25.31 -13.83 3.41
CA PHE B 138 -24.32 -14.64 2.69
C PHE B 138 -24.87 -15.89 2.05
N LEU B 139 -25.40 -16.85 2.85
CA LEU B 139 -25.91 -18.11 2.32
C LEU B 139 -26.94 -17.96 1.22
N SER B 140 -27.97 -17.10 1.42
CA SER B 140 -28.97 -16.85 0.37
C SER B 140 -28.35 -16.37 -0.95
N TYR B 141 -27.24 -15.59 -0.90
CA TYR B 141 -26.55 -15.10 -2.11
C TYR B 141 -26.01 -16.25 -2.95
N VAL B 142 -25.47 -17.27 -2.26
CA VAL B 142 -24.91 -18.49 -2.86
C VAL B 142 -26.03 -19.28 -3.52
N VAL B 143 -27.15 -19.43 -2.81
CA VAL B 143 -28.34 -20.14 -3.30
C VAL B 143 -28.89 -19.46 -4.55
N LEU B 144 -28.95 -18.12 -4.54
CA LEU B 144 -29.42 -17.32 -5.69
C LEU B 144 -28.47 -17.46 -6.87
N THR B 145 -27.16 -17.48 -6.60
CA THR B 145 -26.14 -17.65 -7.66
C THR B 145 -26.27 -19.04 -8.30
N VAL B 146 -26.44 -20.08 -7.48
CA VAL B 146 -26.59 -21.45 -8.01
C VAL B 146 -27.83 -21.52 -8.90
N ALA B 147 -28.94 -20.91 -8.45
CA ALA B 147 -30.19 -20.88 -9.19
C ALA B 147 -30.07 -20.11 -10.52
N ALA B 148 -29.35 -18.98 -10.52
CA ALA B 148 -29.15 -18.09 -11.67
C ALA B 148 -28.08 -18.47 -12.68
N LEU B 149 -27.03 -19.19 -12.25
CA LEU B 149 -25.87 -19.56 -13.08
C LEU B 149 -26.21 -20.18 -14.43
N PRO B 150 -27.09 -21.21 -14.56
CA PRO B 150 -27.41 -21.72 -15.90
C PRO B 150 -27.91 -20.63 -16.87
N MET B 151 -28.80 -19.71 -16.42
CA MET B 151 -29.25 -18.62 -17.29
C MET B 151 -28.13 -17.63 -17.57
N LEU B 152 -27.27 -17.36 -16.58
CA LEU B 152 -26.17 -16.40 -16.74
C LEU B 152 -25.13 -16.91 -17.71
N LYS B 153 -24.86 -18.24 -17.70
CA LYS B 153 -23.94 -18.87 -18.65
C LYS B 153 -24.48 -18.74 -20.09
N GLN B 154 -25.80 -18.85 -20.26
CA GLN B 154 -26.46 -18.74 -21.57
C GLN B 154 -26.29 -17.36 -22.18
N SER B 155 -26.35 -16.31 -21.35
CA SER B 155 -26.25 -14.91 -21.78
C SER B 155 -24.86 -14.30 -21.60
N ASN B 156 -23.87 -15.07 -21.07
CA ASN B 156 -22.52 -14.58 -20.67
C ASN B 156 -22.73 -13.37 -19.73
N GLY B 157 -23.61 -13.58 -18.75
CA GLY B 157 -24.06 -12.56 -17.83
C GLY B 157 -23.11 -12.11 -16.74
N SER B 158 -23.70 -11.47 -15.74
CA SER B 158 -22.97 -10.88 -14.63
C SER B 158 -23.64 -11.06 -13.29
N ILE B 159 -22.82 -11.26 -12.25
CA ILE B 159 -23.24 -11.34 -10.86
C ILE B 159 -22.69 -10.11 -10.18
N VAL B 160 -23.58 -9.37 -9.53
CA VAL B 160 -23.15 -8.17 -8.82
C VAL B 160 -23.43 -8.39 -7.35
N VAL B 161 -22.37 -8.36 -6.54
CA VAL B 161 -22.49 -8.61 -5.10
C VAL B 161 -22.27 -7.31 -4.36
N VAL B 162 -23.28 -6.88 -3.60
CA VAL B 162 -23.17 -5.63 -2.85
C VAL B 162 -22.59 -5.89 -1.49
N SER B 163 -21.36 -5.40 -1.29
CA SER B 163 -20.70 -5.55 -0.03
C SER B 163 -20.49 -4.18 0.63
N SER B 164 -19.45 -4.06 1.45
CA SER B 164 -19.25 -2.87 2.26
C SER B 164 -17.77 -2.72 2.61
N LEU B 165 -17.39 -1.50 3.07
CA LEU B 165 -16.04 -1.27 3.59
C LEU B 165 -15.86 -2.20 4.81
N ALA B 166 -16.98 -2.51 5.53
CA ALA B 166 -17.05 -3.42 6.68
C ALA B 166 -16.83 -4.89 6.26
N GLY B 167 -16.73 -5.14 4.95
CA GLY B 167 -16.40 -6.42 4.37
C GLY B 167 -14.95 -6.46 3.89
N LYS B 168 -14.21 -5.37 4.13
CA LYS B 168 -12.79 -5.26 3.75
C LYS B 168 -11.92 -4.90 4.95
N VAL B 169 -12.49 -4.19 5.90
CA VAL B 169 -11.80 -3.75 7.12
C VAL B 169 -12.73 -3.96 8.30
N ALA B 170 -12.20 -3.97 9.54
CA ALA B 170 -13.02 -4.18 10.72
C ALA B 170 -13.66 -2.90 11.25
N TYR B 171 -14.90 -3.02 11.73
CA TYR B 171 -15.66 -1.95 12.33
C TYR B 171 -16.25 -2.44 13.64
N PRO B 172 -16.13 -1.67 14.73
CA PRO B 172 -16.84 -2.09 15.97
C PRO B 172 -18.35 -1.92 15.76
N MET B 173 -19.16 -2.66 16.54
CA MET B 173 -20.63 -2.55 16.56
C MET B 173 -21.39 -3.21 15.44
N VAL B 174 -20.68 -3.80 14.45
CA VAL B 174 -21.31 -4.50 13.33
C VAL B 174 -20.64 -5.85 13.07
N ALA B 175 -20.22 -6.54 14.13
CA ALA B 175 -19.49 -7.82 14.00
C ALA B 175 -20.13 -8.88 13.11
N ALA B 176 -21.41 -9.23 13.36
CA ALA B 176 -22.14 -10.26 12.60
C ALA B 176 -22.26 -9.84 11.13
N TYR B 177 -22.58 -8.55 10.93
CA TYR B 177 -22.72 -7.94 9.62
C TYR B 177 -21.39 -8.01 8.88
N SER B 178 -20.31 -7.59 9.55
CA SER B 178 -18.95 -7.58 8.99
C SER B 178 -18.52 -9.00 8.59
N ALA B 179 -18.75 -9.98 9.48
CA ALA B 179 -18.48 -11.39 9.24
C ALA B 179 -19.15 -11.87 7.94
N SER B 180 -20.43 -11.53 7.75
CA SER B 180 -21.20 -11.93 6.55
C SER B 180 -20.65 -11.28 5.26
N LYS B 181 -20.20 -10.01 5.34
CA LYS B 181 -19.63 -9.30 4.19
C LYS B 181 -18.24 -9.79 3.85
N PHE B 182 -17.41 -10.11 4.87
CA PHE B 182 -16.09 -10.73 4.68
C PHE B 182 -16.30 -12.10 3.99
N ALA B 183 -17.32 -12.87 4.42
CA ALA B 183 -17.64 -14.18 3.81
C ALA B 183 -17.95 -14.08 2.29
N LEU B 184 -18.65 -12.99 1.88
CA LEU B 184 -18.96 -12.72 0.46
C LEU B 184 -17.69 -12.57 -0.35
N ASP B 185 -16.71 -11.82 0.19
CA ASP B 185 -15.42 -11.63 -0.47
C ASP B 185 -14.72 -12.97 -0.67
N GLY B 186 -14.51 -13.72 0.40
CA GLY B 186 -13.90 -15.03 0.35
C GLY B 186 -14.57 -15.99 -0.60
N PHE B 187 -15.90 -16.10 -0.55
CA PHE B 187 -16.60 -17.02 -1.47
C PHE B 187 -16.58 -16.55 -2.91
N PHE B 188 -17.11 -15.33 -3.19
CA PHE B 188 -17.20 -14.84 -4.55
C PHE B 188 -15.88 -14.59 -5.23
N SER B 189 -14.86 -14.20 -4.47
CA SER B 189 -13.54 -14.01 -5.05
C SER B 189 -12.92 -15.36 -5.44
N SER B 190 -13.15 -16.42 -4.64
N SER B 190 -13.15 -16.41 -4.64
CA SER B 190 -12.64 -17.76 -4.94
CA SER B 190 -12.63 -17.74 -4.93
C SER B 190 -13.33 -18.32 -6.18
C SER B 190 -13.33 -18.36 -6.15
N ILE B 191 -14.68 -18.20 -6.24
CA ILE B 191 -15.42 -18.69 -7.40
C ILE B 191 -15.09 -17.88 -8.67
N ARG B 192 -14.75 -16.57 -8.54
CA ARG B 192 -14.29 -15.79 -9.70
C ARG B 192 -13.03 -16.47 -10.28
N LYS B 193 -12.10 -16.84 -9.41
CA LYS B 193 -10.90 -17.56 -9.83
C LYS B 193 -11.24 -18.91 -10.47
N GLU B 194 -12.24 -19.62 -9.92
CA GLU B 194 -12.68 -20.90 -10.51
C GLU B 194 -13.26 -20.70 -11.88
N TYR B 195 -14.08 -19.64 -12.07
CA TYR B 195 -14.67 -19.31 -13.37
C TYR B 195 -13.61 -18.96 -14.41
N SER B 196 -12.53 -18.29 -13.99
CA SER B 196 -11.40 -17.96 -14.86
C SER B 196 -10.73 -19.24 -15.38
N VAL B 197 -10.45 -20.20 -14.50
CA VAL B 197 -9.79 -21.45 -14.89
C VAL B 197 -10.68 -22.43 -15.68
N SER B 198 -11.97 -22.50 -15.32
CA SER B 198 -12.94 -23.37 -15.98
C SER B 198 -13.64 -22.69 -17.15
N ARG B 199 -13.14 -21.50 -17.56
CA ARG B 199 -13.64 -20.69 -18.69
C ARG B 199 -15.16 -20.45 -18.68
N VAL B 200 -15.71 -20.12 -17.49
CA VAL B 200 -17.14 -19.80 -17.32
C VAL B 200 -17.20 -18.27 -17.55
N ASN B 201 -17.92 -17.82 -18.61
CA ASN B 201 -18.00 -16.39 -18.96
C ASN B 201 -19.09 -15.59 -18.22
N VAL B 202 -19.08 -15.69 -16.89
CA VAL B 202 -19.98 -14.98 -16.01
C VAL B 202 -19.09 -14.11 -15.12
N SER B 203 -19.26 -12.79 -15.21
CA SER B 203 -18.46 -11.88 -14.40
C SER B 203 -19.03 -11.79 -13.00
N ILE B 204 -18.15 -11.49 -12.04
CA ILE B 204 -18.49 -11.33 -10.63
C ILE B 204 -17.92 -9.97 -10.21
N THR B 205 -18.78 -9.07 -9.76
CA THR B 205 -18.39 -7.71 -9.32
C THR B 205 -18.69 -7.59 -7.85
N LEU B 206 -17.66 -7.32 -7.04
CA LEU B 206 -17.84 -7.10 -5.61
C LEU B 206 -17.84 -5.59 -5.38
N CYS B 207 -18.94 -5.05 -4.82
CA CYS B 207 -19.06 -3.62 -4.57
C CYS B 207 -18.78 -3.27 -3.13
N VAL B 208 -17.68 -2.55 -2.90
CA VAL B 208 -17.23 -2.17 -1.58
C VAL B 208 -17.68 -0.75 -1.31
N LEU B 209 -18.78 -0.60 -0.54
CA LEU B 209 -19.39 0.69 -0.26
C LEU B 209 -19.07 1.27 1.08
N GLY B 210 -18.87 2.59 1.07
CA GLY B 210 -18.76 3.38 2.30
C GLY B 210 -20.17 3.75 2.75
N LEU B 211 -20.31 4.58 3.77
CA LEU B 211 -21.62 4.99 4.29
C LEU B 211 -22.43 5.76 3.23
N ILE B 212 -23.67 5.30 2.99
CA ILE B 212 -24.60 5.84 2.00
C ILE B 212 -25.84 6.37 2.73
N ASP B 213 -26.40 7.47 2.22
CA ASP B 213 -27.52 8.20 2.81
C ASP B 213 -28.90 7.51 2.73
N THR B 214 -28.94 6.17 2.81
CA THR B 214 -30.22 5.48 2.80
C THR B 214 -30.95 5.76 4.09
N GLU B 215 -32.27 5.60 4.05
CA GLU B 215 -33.15 5.78 5.18
C GLU B 215 -32.68 4.88 6.34
N THR B 216 -32.46 3.57 6.07
CA THR B 216 -31.99 2.63 7.10
C THR B 216 -30.65 3.05 7.74
N ALA B 217 -29.65 3.43 6.91
CA ALA B 217 -28.33 3.83 7.39
C ALA B 217 -28.38 5.06 8.27
N MET B 218 -29.11 6.11 7.82
CA MET B 218 -29.22 7.36 8.55
C MET B 218 -29.86 7.16 9.91
N LYS B 219 -30.93 6.33 9.98
CA LYS B 219 -31.58 5.99 11.24
C LYS B 219 -30.61 5.18 12.15
N ALA B 220 -29.89 4.19 11.55
CA ALA B 220 -29.00 3.30 12.31
C ALA B 220 -27.77 3.97 12.92
N VAL B 221 -27.15 4.92 12.22
CA VAL B 221 -25.91 5.55 12.73
C VAL B 221 -26.17 6.80 13.58
N SER B 222 -27.42 7.30 13.56
CA SER B 222 -27.87 8.50 14.27
C SER B 222 -27.38 8.53 15.73
N GLY B 223 -26.61 9.54 16.08
CA GLY B 223 -26.04 9.71 17.41
C GLY B 223 -24.92 8.75 17.80
N ILE B 224 -24.53 7.82 16.90
CA ILE B 224 -23.47 6.85 17.17
C ILE B 224 -22.26 7.18 16.31
N VAL B 225 -22.48 7.37 15.00
CA VAL B 225 -21.43 7.64 14.03
C VAL B 225 -21.68 8.98 13.32
N HIS B 226 -20.64 9.84 13.30
CA HIS B 226 -20.68 11.13 12.66
C HIS B 226 -19.68 11.11 11.51
N MET B 227 -20.17 10.92 10.28
CA MET B 227 -19.36 10.92 9.06
C MET B 227 -20.22 11.18 7.85
N GLN B 228 -19.60 11.61 6.74
CA GLN B 228 -20.30 11.89 5.50
C GLN B 228 -20.95 10.65 4.91
N ALA B 229 -22.18 10.77 4.48
CA ALA B 229 -22.94 9.72 3.82
C ALA B 229 -22.97 10.15 2.35
N ALA B 230 -22.59 9.24 1.44
CA ALA B 230 -22.57 9.52 0.00
C ALA B 230 -23.97 9.35 -0.57
N PRO B 231 -24.33 10.02 -1.70
CA PRO B 231 -25.70 9.88 -2.22
C PRO B 231 -26.03 8.50 -2.80
N LYS B 232 -27.20 7.96 -2.43
CA LYS B 232 -27.71 6.66 -2.86
C LYS B 232 -27.94 6.53 -4.36
N GLU B 233 -28.37 7.63 -5.03
CA GLU B 233 -28.65 7.64 -6.47
C GLU B 233 -27.39 7.39 -7.28
N GLU B 234 -26.30 8.11 -6.96
CA GLU B 234 -24.99 7.98 -7.61
C GLU B 234 -24.42 6.58 -7.31
N CYS B 235 -24.48 6.15 -6.03
CA CYS B 235 -24.03 4.85 -5.53
C CYS B 235 -24.59 3.70 -6.38
N ALA B 236 -25.94 3.69 -6.52
CA ALA B 236 -26.67 2.72 -7.33
C ALA B 236 -26.15 2.68 -8.75
N LEU B 237 -25.97 3.88 -9.38
CA LEU B 237 -25.46 3.99 -10.75
C LEU B 237 -24.07 3.39 -10.89
N GLU B 238 -23.18 3.72 -9.94
CA GLU B 238 -21.81 3.21 -9.89
C GLU B 238 -21.73 1.69 -9.75
N ILE B 239 -22.73 1.08 -9.08
CA ILE B 239 -22.83 -0.37 -8.91
C ILE B 239 -23.22 -0.98 -10.24
N ILE B 240 -24.21 -0.38 -10.92
CA ILE B 240 -24.72 -0.84 -12.22
C ILE B 240 -23.60 -0.72 -13.26
N LYS B 241 -22.88 0.42 -13.28
CA LYS B 241 -21.78 0.64 -14.25
C LYS B 241 -20.71 -0.46 -14.10
N GLY B 242 -20.21 -0.67 -12.87
CA GLY B 242 -19.17 -1.65 -12.55
C GLY B 242 -19.54 -3.06 -12.94
N GLY B 243 -20.80 -3.43 -12.71
CA GLY B 243 -21.35 -4.71 -13.10
C GLY B 243 -21.43 -4.82 -14.62
N ALA B 244 -21.95 -3.76 -15.28
CA ALA B 244 -22.07 -3.71 -16.75
C ALA B 244 -20.69 -3.80 -17.43
N LEU B 245 -19.67 -3.16 -16.85
CA LEU B 245 -18.30 -3.18 -17.36
C LEU B 245 -17.51 -4.43 -16.93
N ARG B 246 -18.12 -5.33 -16.13
CA ARG B 246 -17.52 -6.60 -15.68
C ARG B 246 -16.26 -6.37 -14.88
N GLN B 247 -16.25 -5.31 -14.08
CA GLN B 247 -15.15 -4.98 -13.20
C GLN B 247 -15.17 -6.01 -12.05
N GLU B 248 -14.02 -6.35 -11.51
CA GLU B 248 -13.94 -7.30 -10.40
C GLU B 248 -14.44 -6.68 -9.12
N GLU B 249 -14.04 -5.42 -8.88
CA GLU B 249 -14.47 -4.68 -7.70
C GLU B 249 -14.81 -3.24 -8.05
N VAL B 250 -15.80 -2.70 -7.35
CA VAL B 250 -16.25 -1.32 -7.43
C VAL B 250 -16.08 -0.77 -6.04
N TYR B 251 -15.50 0.42 -5.93
CA TYR B 251 -15.36 1.12 -4.66
C TYR B 251 -16.12 2.40 -4.77
N TYR B 252 -16.95 2.68 -3.77
CA TYR B 252 -17.70 3.91 -3.74
C TYR B 252 -17.80 4.43 -2.32
N ASP B 253 -17.26 5.62 -2.09
CA ASP B 253 -17.24 6.26 -0.79
C ASP B 253 -17.11 7.79 -0.95
N SER B 254 -17.48 8.54 0.11
CA SER B 254 -17.38 10.00 0.16
C SER B 254 -15.92 10.47 0.16
N SER B 255 -15.02 9.74 0.83
CA SER B 255 -13.61 10.12 0.92
C SER B 255 -12.76 9.30 -0.02
N LEU B 256 -11.57 9.74 -0.37
CA LEU B 256 -10.92 8.97 -1.42
C LEU B 256 -9.42 8.97 -1.69
N TRP B 257 -8.53 8.75 -0.73
CA TRP B 257 -8.72 8.40 0.66
C TRP B 257 -9.13 6.94 0.87
N THR B 258 -10.42 6.71 1.01
CA THR B 258 -10.91 5.36 1.08
C THR B 258 -10.62 4.71 -0.27
N THR B 259 -11.06 5.40 -1.30
CA THR B 259 -11.00 5.01 -2.70
C THR B 259 -9.68 4.34 -3.06
N LEU B 260 -8.57 5.08 -2.89
CA LEU B 260 -7.25 4.58 -3.25
C LEU B 260 -6.47 3.80 -2.19
N LEU B 261 -6.83 3.91 -0.90
CA LEU B 261 -6.20 3.14 0.17
C LEU B 261 -6.78 1.72 0.25
N ILE B 262 -8.07 1.55 -0.09
CA ILE B 262 -8.77 0.25 -0.01
C ILE B 262 -8.24 -0.89 -0.89
N ARG B 263 -7.70 -0.57 -2.09
CA ARG B 263 -7.13 -1.57 -3.02
C ARG B 263 -5.96 -2.28 -2.33
N ASN B 264 -5.81 -3.58 -2.59
CA ASN B 264 -4.77 -4.38 -1.95
C ASN B 264 -3.87 -5.09 -2.98
N PRO B 265 -2.77 -4.41 -3.43
CA PRO B 265 -1.87 -5.05 -4.43
C PRO B 265 -1.14 -6.28 -3.91
N SER B 266 -0.81 -6.31 -2.60
CA SER B 266 -0.16 -7.45 -1.92
C SER B 266 -1.04 -8.70 -2.02
N ARG B 267 -2.38 -8.53 -1.91
CA ARG B 267 -3.31 -9.64 -2.04
C ARG B 267 -3.27 -10.13 -3.51
N LYS B 268 -3.27 -9.20 -4.47
CA LYS B 268 -3.22 -9.51 -5.90
C LYS B 268 -1.97 -10.28 -6.26
N ILE B 269 -0.80 -9.91 -5.69
CA ILE B 269 0.42 -10.64 -5.98
C ILE B 269 0.36 -12.05 -5.39
N LEU B 270 -0.10 -12.19 -4.10
CA LEU B 270 -0.28 -13.48 -3.42
C LEU B 270 -1.22 -14.39 -4.24
N GLU B 271 -2.29 -13.81 -4.85
CA GLU B 271 -3.27 -14.58 -5.66
C GLU B 271 -2.70 -14.97 -7.04
N PHE B 272 -1.90 -14.07 -7.67
CA PHE B 272 -1.27 -14.31 -8.98
C PHE B 272 -0.19 -15.35 -8.88
N LEU B 273 0.66 -15.25 -7.84
CA LEU B 273 1.74 -16.20 -7.62
C LEU B 273 1.27 -17.61 -7.30
N TYR B 274 0.00 -17.77 -6.91
CA TYR B 274 -0.58 -19.08 -6.69
C TYR B 274 -1.32 -19.59 -7.92
N SER B 275 -1.56 -18.68 -8.88
CA SER B 275 -2.19 -19.03 -10.15
C SER B 275 -1.09 -19.60 -11.10
N THR B 276 -0.13 -20.35 -10.51
CA THR B 276 1.00 -21.01 -11.19
C THR B 276 1.39 -22.35 -10.54
N SER B 277 0.91 -22.61 -9.30
CA SER B 277 1.20 -23.85 -8.57
C SER B 277 0.24 -24.98 -8.93
N GLN C 15 19.15 0.43 12.95
CA GLN C 15 18.96 0.05 14.35
C GLN C 15 18.74 1.26 15.28
N PRO C 16 17.47 1.63 15.57
CA PRO C 16 17.24 2.76 16.47
C PRO C 16 17.43 2.37 17.94
N LEU C 17 17.52 3.38 18.84
CA LEU C 17 17.68 3.10 20.27
C LEU C 17 16.33 2.71 20.84
N ASN C 18 16.26 1.51 21.46
CA ASN C 18 15.03 1.00 22.04
C ASN C 18 14.83 1.54 23.45
N GLU C 19 14.65 2.88 23.52
CA GLU C 19 14.48 3.64 24.76
C GLU C 19 13.69 4.92 24.51
N GLU C 20 13.18 5.51 25.59
CA GLU C 20 12.45 6.76 25.52
C GLU C 20 13.47 7.88 25.44
N PHE C 21 13.12 8.98 24.77
CA PHE C 21 14.02 10.12 24.69
C PHE C 21 14.08 10.80 26.06
N ARG C 22 15.27 11.29 26.40
CA ARG C 22 15.55 12.06 27.59
C ARG C 22 16.44 13.20 27.17
N PRO C 23 16.22 14.43 27.68
CA PRO C 23 17.08 15.55 27.28
C PRO C 23 18.55 15.32 27.65
N GLU C 24 18.81 14.46 28.67
CA GLU C 24 20.13 14.11 29.20
C GLU C 24 20.96 13.39 28.17
N MET C 25 20.30 12.83 27.14
CA MET C 25 20.99 12.14 26.05
C MET C 25 21.89 13.12 25.29
N LEU C 26 21.57 14.43 25.34
CA LEU C 26 22.34 15.47 24.63
C LEU C 26 23.36 16.19 25.51
N GLN C 27 23.37 15.89 26.81
CA GLN C 27 24.27 16.49 27.79
C GLN C 27 25.73 16.23 27.43
N GLY C 28 26.49 17.29 27.21
CA GLY C 28 27.91 17.19 26.81
C GLY C 28 28.13 16.67 25.39
N LYS C 29 27.04 16.48 24.59
CA LYS C 29 27.20 16.03 23.20
C LYS C 29 27.70 17.19 22.37
N LYS C 30 28.52 16.89 21.34
CA LYS C 30 29.16 17.87 20.44
C LYS C 30 28.32 17.96 19.18
N VAL C 31 27.61 19.09 19.02
CA VAL C 31 26.61 19.16 17.94
C VAL C 31 26.78 20.36 17.02
N ILE C 32 26.69 20.10 15.70
CA ILE C 32 26.66 21.13 14.66
C ILE C 32 25.19 21.32 14.26
N VAL C 33 24.76 22.58 14.10
CA VAL C 33 23.42 22.92 13.60
C VAL C 33 23.69 23.95 12.50
N THR C 34 23.33 23.62 11.25
CA THR C 34 23.47 24.56 10.14
C THR C 34 22.15 25.29 10.03
N GLY C 35 22.14 26.44 9.31
CA GLY C 35 20.96 27.27 9.17
C GLY C 35 20.34 27.58 10.51
N ALA C 36 21.20 27.93 11.46
CA ALA C 36 20.84 28.14 12.86
C ALA C 36 20.66 29.59 13.30
N SER C 37 20.74 30.55 12.36
CA SER C 37 20.53 31.97 12.66
C SER C 37 19.04 32.25 12.87
N LYS C 38 18.18 31.44 12.27
CA LYS C 38 16.74 31.63 12.38
C LYS C 38 15.92 30.38 12.14
N GLY C 39 14.61 30.51 12.34
CA GLY C 39 13.64 29.45 12.14
C GLY C 39 13.86 28.25 13.02
N ILE C 40 13.70 27.06 12.44
CA ILE C 40 13.84 25.76 13.11
C ILE C 40 15.26 25.56 13.62
N GLY C 41 16.24 25.98 12.83
CA GLY C 41 17.65 25.88 13.19
C GLY C 41 17.97 26.56 14.51
N ARG C 42 17.51 27.82 14.68
CA ARG C 42 17.69 28.60 15.90
C ARG C 42 17.07 27.89 17.09
N GLU C 43 15.82 27.40 16.93
CA GLU C 43 15.08 26.63 17.94
C GLU C 43 15.87 25.36 18.32
N MET C 44 16.50 24.68 17.32
CA MET C 44 17.29 23.48 17.61
C MET C 44 18.50 23.82 18.45
N ALA C 45 19.15 24.96 18.16
CA ALA C 45 20.32 25.44 18.92
C ALA C 45 19.91 25.71 20.38
N TYR C 46 18.74 26.34 20.59
CA TYR C 46 18.19 26.67 21.92
C TYR C 46 17.86 25.42 22.75
N HIS C 47 17.22 24.40 22.12
CA HIS C 47 16.90 23.15 22.80
C HIS C 47 18.19 22.46 23.23
N LEU C 48 19.18 22.33 22.30
CA LEU C 48 20.49 21.72 22.57
C LEU C 48 21.21 22.44 23.71
N ALA C 49 21.15 23.79 23.73
CA ALA C 49 21.72 24.60 24.79
C ALA C 49 21.05 24.26 26.12
N LYS C 50 19.69 24.17 26.16
CA LYS C 50 18.93 23.82 27.38
C LYS C 50 19.31 22.44 27.87
N MET C 51 19.70 21.55 26.95
CA MET C 51 20.13 20.18 27.25
C MET C 51 21.58 20.12 27.70
N GLY C 52 22.29 21.25 27.67
CA GLY C 52 23.70 21.32 28.06
C GLY C 52 24.65 20.65 27.08
N ALA C 53 24.35 20.74 25.76
CA ALA C 53 25.22 20.20 24.70
C ALA C 53 26.24 21.27 24.34
N HIS C 54 27.33 20.89 23.68
CA HIS C 54 28.30 21.84 23.11
C HIS C 54 27.70 22.12 21.73
N VAL C 55 27.67 23.37 21.34
CA VAL C 55 27.00 23.73 20.09
C VAL C 55 27.85 24.61 19.16
N VAL C 56 27.94 24.23 17.88
CA VAL C 56 28.58 25.06 16.86
C VAL C 56 27.49 25.38 15.82
N VAL C 57 27.11 26.65 15.74
CA VAL C 57 26.06 27.10 14.83
C VAL C 57 26.65 27.82 13.62
N THR C 58 25.99 27.67 12.48
CA THR C 58 26.39 28.34 11.26
C THR C 58 25.16 28.79 10.48
N ALA C 59 25.37 29.80 9.64
CA ALA C 59 24.43 30.49 8.74
C ALA C 59 25.24 31.68 8.19
N ARG C 60 24.67 32.54 7.37
CA ARG C 60 25.50 33.66 6.87
C ARG C 60 25.53 34.84 7.83
N SER C 61 24.42 35.10 8.55
CA SER C 61 24.22 36.25 9.42
C SER C 61 25.11 36.29 10.64
N LYS C 62 26.31 36.86 10.46
CA LYS C 62 27.27 37.02 11.55
C LYS C 62 26.62 37.60 12.83
N GLU C 63 25.93 38.77 12.70
CA GLU C 63 25.32 39.46 13.85
C GLU C 63 24.29 38.64 14.59
N THR C 64 23.32 38.04 13.88
CA THR C 64 22.31 37.22 14.56
C THR C 64 22.88 35.91 15.12
N LEU C 65 23.95 35.37 14.51
CA LEU C 65 24.59 34.15 15.03
C LEU C 65 25.24 34.46 16.38
N GLN C 66 25.85 35.66 16.52
CA GLN C 66 26.43 36.08 17.81
C GLN C 66 25.34 36.16 18.89
N LYS C 67 24.16 36.71 18.53
CA LYS C 67 23.03 36.81 19.46
C LYS C 67 22.49 35.42 19.79
N VAL C 68 22.49 34.50 18.82
CA VAL C 68 22.04 33.11 19.04
C VAL C 68 22.98 32.44 20.04
N VAL C 69 24.28 32.55 19.81
CA VAL C 69 25.33 32.02 20.68
C VAL C 69 25.21 32.52 22.12
N SER C 70 25.04 33.84 22.33
CA SER C 70 24.93 34.44 23.67
C SER C 70 23.69 33.88 24.38
N HIS C 71 22.57 33.73 23.63
CA HIS C 71 21.37 33.13 24.22
C HIS C 71 21.59 31.65 24.57
N CYS C 72 22.34 30.89 23.73
CA CYS C 72 22.69 29.48 24.00
C CYS C 72 23.46 29.33 25.31
N LEU C 73 24.44 30.20 25.54
CA LEU C 73 25.24 30.23 26.79
C LEU C 73 24.33 30.51 28.00
N GLU C 74 23.43 31.50 27.86
CA GLU C 74 22.47 31.86 28.91
C GLU C 74 21.56 30.70 29.23
N LEU C 75 21.20 29.91 28.21
CA LEU C 75 20.35 28.74 28.37
C LEU C 75 21.00 27.53 29.05
N GLY C 76 22.33 27.57 29.20
CA GLY C 76 23.05 26.48 29.83
C GLY C 76 23.82 25.57 28.90
N ALA C 77 24.20 26.05 27.69
CA ALA C 77 25.01 25.20 26.79
C ALA C 77 26.39 24.97 27.43
N ALA C 78 26.95 23.77 27.25
CA ALA C 78 28.29 23.41 27.73
C ALA C 78 29.29 24.38 27.11
N SER C 79 29.04 24.75 25.84
CA SER C 79 29.78 25.75 25.07
C SER C 79 28.96 26.04 23.83
N ALA C 80 29.17 27.24 23.27
CA ALA C 80 28.48 27.67 22.05
C ALA C 80 29.36 28.59 21.24
N HIS C 81 29.51 28.29 19.93
CA HIS C 81 30.30 29.11 19.00
C HIS C 81 29.56 29.20 17.67
N TYR C 82 29.88 30.22 16.89
CA TYR C 82 29.33 30.36 15.56
C TYR C 82 30.49 30.53 14.57
N ILE C 83 30.26 30.14 13.33
CA ILE C 83 31.20 30.39 12.23
C ILE C 83 30.26 30.82 11.12
N ALA C 84 30.41 32.06 10.61
CA ALA C 84 29.52 32.54 9.54
C ALA C 84 30.10 32.27 8.17
N GLY C 85 29.23 31.95 7.22
CA GLY C 85 29.61 31.72 5.84
C GLY C 85 28.47 31.20 5.03
N THR C 86 28.67 31.14 3.71
CA THR C 86 27.69 30.64 2.77
C THR C 86 27.94 29.19 2.42
N MET C 87 26.87 28.38 2.45
CA MET C 87 26.95 26.97 2.06
C MET C 87 26.96 26.78 0.52
N GLU C 88 27.02 27.90 -0.22
CA GLU C 88 27.16 27.91 -1.68
C GLU C 88 28.65 27.61 -1.91
N ASP C 89 29.49 27.94 -0.90
CA ASP C 89 30.92 27.75 -0.94
C ASP C 89 31.29 26.41 -0.30
N MET C 90 31.69 25.43 -1.14
CA MET C 90 32.06 24.08 -0.71
C MET C 90 33.36 24.05 0.08
N THR C 91 34.24 25.03 -0.15
CA THR C 91 35.48 25.16 0.61
C THR C 91 35.15 25.63 2.03
N PHE C 92 34.21 26.57 2.16
CA PHE C 92 33.75 27.03 3.46
C PHE C 92 33.09 25.84 4.21
N ALA C 93 32.21 25.06 3.53
CA ALA C 93 31.51 23.90 4.11
C ALA C 93 32.50 22.91 4.73
N GLU C 94 33.53 22.56 3.98
CA GLU C 94 34.61 21.65 4.35
C GLU C 94 35.42 22.20 5.57
N GLN C 95 35.87 23.46 5.47
CA GLN C 95 36.62 24.17 6.49
C GLN C 95 35.80 24.43 7.76
N PHE C 96 34.47 24.63 7.60
CA PHE C 96 33.58 24.85 8.74
C PHE C 96 33.58 23.62 9.67
N VAL C 97 33.41 22.43 9.12
CA VAL C 97 33.36 21.19 9.92
C VAL C 97 34.66 20.97 10.71
N ALA C 98 35.83 21.11 10.03
CA ALA C 98 37.15 20.96 10.66
C ALA C 98 37.26 21.89 11.87
N GLN C 99 36.88 23.18 11.69
CA GLN C 99 36.93 24.19 12.76
C GLN C 99 35.93 23.94 13.91
N ALA C 100 34.69 23.52 13.55
CA ALA C 100 33.65 23.14 14.52
C ALA C 100 34.19 21.99 15.41
N GLY C 101 34.84 21.03 14.77
CA GLY C 101 35.41 19.88 15.46
C GLY C 101 36.51 20.24 16.44
N LYS C 102 37.34 21.23 16.10
CA LYS C 102 38.41 21.71 16.95
C LYS C 102 37.86 22.47 18.14
N LEU C 103 36.80 23.27 17.88
CA LEU C 103 36.10 24.09 18.85
C LEU C 103 35.47 23.26 19.96
N MET C 104 34.94 22.06 19.65
CA MET C 104 34.27 21.15 20.59
C MET C 104 35.10 19.93 21.00
N GLY C 105 36.18 19.66 20.27
CA GLY C 105 37.05 18.51 20.52
C GLY C 105 36.44 17.23 20.02
N GLY C 106 35.77 17.30 18.87
CA GLY C 106 35.09 16.17 18.25
C GLY C 106 33.71 16.53 17.74
N LEU C 107 32.92 15.51 17.40
CA LEU C 107 31.56 15.68 16.87
C LEU C 107 30.74 14.44 17.12
N ASP C 108 29.53 14.61 17.70
CA ASP C 108 28.62 13.51 17.96
C ASP C 108 27.41 13.57 17.05
N MET C 109 27.00 14.78 16.64
CA MET C 109 25.80 14.92 15.84
C MET C 109 25.93 16.06 14.84
N LEU C 110 25.64 15.77 13.57
CA LEU C 110 25.67 16.75 12.50
C LEU C 110 24.23 17.04 12.08
N ILE C 111 23.72 18.24 12.39
CA ILE C 111 22.36 18.60 12.01
C ILE C 111 22.40 19.48 10.79
N LEU C 112 21.99 18.92 9.64
CA LEU C 112 21.96 19.60 8.32
C LEU C 112 20.56 20.15 8.07
N ASN C 113 20.45 21.47 8.13
CA ASN C 113 19.16 22.16 8.13
C ASN C 113 19.02 23.36 7.19
N HIS C 114 20.13 24.02 6.83
CA HIS C 114 20.10 25.20 5.96
C HIS C 114 19.53 24.90 4.56
N ILE C 115 18.94 25.92 3.94
CA ILE C 115 18.41 25.88 2.57
C ILE C 115 18.66 27.26 1.98
N THR C 116 18.78 27.34 0.65
CA THR C 116 18.91 28.64 -0.03
C THR C 116 17.52 29.34 -0.02
N ASN C 117 17.51 30.67 -0.23
CA ASN C 117 16.26 31.43 -0.30
C ASN C 117 15.29 30.82 -1.35
N THR C 118 14.06 30.51 -0.92
CA THR C 118 13.03 29.84 -1.71
C THR C 118 11.68 30.59 -1.55
N SER C 119 11.00 30.81 -2.68
CA SER C 119 9.69 31.47 -2.78
C SER C 119 8.70 30.52 -3.47
N LEU C 120 7.39 30.74 -3.33
CA LEU C 120 6.47 29.88 -4.06
C LEU C 120 6.30 30.54 -5.42
N ASN C 121 6.73 29.86 -6.48
CA ASN C 121 6.65 30.38 -7.82
C ASN C 121 6.58 29.27 -8.81
N LEU C 122 5.83 29.49 -9.88
CA LEU C 122 5.73 28.54 -10.99
C LEU C 122 7.08 28.47 -11.68
N PHE C 123 7.51 27.26 -12.07
CA PHE C 123 8.78 27.12 -12.76
C PHE C 123 8.64 27.56 -14.22
N HIS C 124 9.51 28.47 -14.64
CA HIS C 124 9.51 28.90 -16.03
C HIS C 124 10.83 28.58 -16.74
N ASP C 125 11.88 29.31 -16.45
CA ASP C 125 13.19 29.06 -17.06
C ASP C 125 14.30 29.37 -16.06
N ASP C 126 13.99 29.19 -14.77
CA ASP C 126 14.89 29.49 -13.67
C ASP C 126 15.85 28.33 -13.37
N ILE C 127 16.75 28.07 -14.32
CA ILE C 127 17.81 27.08 -14.20
C ILE C 127 18.78 27.47 -13.06
N HIS C 128 19.02 28.80 -12.86
N HIS C 128 19.02 28.78 -12.86
CA HIS C 128 19.91 29.31 -11.81
CA HIS C 128 19.91 29.30 -11.83
C HIS C 128 19.39 28.90 -10.44
C HIS C 128 19.40 28.98 -10.42
N HIS C 129 18.08 29.07 -10.20
CA HIS C 129 17.46 28.71 -8.94
C HIS C 129 17.50 27.19 -8.75
N VAL C 130 17.33 26.40 -9.83
CA VAL C 130 17.42 24.93 -9.76
C VAL C 130 18.85 24.55 -9.36
N ARG C 131 19.87 25.13 -10.05
CA ARG C 131 21.28 24.87 -9.74
C ARG C 131 21.62 25.30 -8.31
N LYS C 132 21.21 26.49 -7.90
CA LYS C 132 21.53 26.98 -6.57
C LYS C 132 20.89 26.12 -5.47
N SER C 133 19.62 25.70 -5.69
CA SER C 133 18.90 24.82 -4.73
C SER C 133 19.63 23.52 -4.57
N MET C 134 20.07 22.93 -5.68
CA MET C 134 20.80 21.68 -5.73
C MET C 134 22.16 21.80 -4.97
N GLU C 135 22.87 22.89 -5.22
CA GLU C 135 24.17 23.17 -4.61
C GLU C 135 24.05 23.35 -3.10
N VAL C 136 23.20 24.30 -2.67
CA VAL C 136 23.04 24.62 -1.24
C VAL C 136 22.28 23.57 -0.45
N ASN C 137 21.10 23.15 -0.94
CA ASN C 137 20.22 22.25 -0.18
C ASN C 137 20.63 20.81 -0.23
N PHE C 138 21.43 20.44 -1.24
CA PHE C 138 21.82 19.06 -1.38
C PHE C 138 23.34 18.84 -1.38
N LEU C 139 24.09 19.39 -2.37
CA LEU C 139 25.54 19.19 -2.48
C LEU C 139 26.34 19.61 -1.24
N SER C 140 26.02 20.77 -0.64
CA SER C 140 26.69 21.18 0.60
C SER C 140 26.45 20.15 1.74
N TYR C 141 25.26 19.46 1.77
CA TYR C 141 24.98 18.44 2.80
C TYR C 141 25.95 17.25 2.65
N VAL C 142 26.22 16.87 1.40
CA VAL C 142 27.15 15.78 1.10
C VAL C 142 28.57 16.19 1.50
N VAL C 143 29.00 17.41 1.11
CA VAL C 143 30.31 17.93 1.46
C VAL C 143 30.47 17.96 3.00
N LEU C 144 29.46 18.48 3.71
CA LEU C 144 29.47 18.53 5.18
C LEU C 144 29.58 17.13 5.80
N THR C 145 28.84 16.15 5.22
CA THR C 145 28.87 14.77 5.67
C THR C 145 30.27 14.19 5.52
N VAL C 146 30.87 14.31 4.33
CA VAL C 146 32.21 13.78 4.03
C VAL C 146 33.23 14.32 5.03
N ALA C 147 33.25 15.63 5.25
CA ALA C 147 34.16 16.29 6.20
C ALA C 147 33.92 15.83 7.63
N ALA C 148 32.66 15.51 8.00
CA ALA C 148 32.31 15.11 9.36
C ALA C 148 32.50 13.66 9.69
N LEU C 149 32.47 12.80 8.66
CA LEU C 149 32.52 11.33 8.82
C LEU C 149 33.66 10.78 9.71
N PRO C 150 34.94 11.16 9.54
CA PRO C 150 35.96 10.64 10.47
C PRO C 150 35.63 10.89 11.96
N MET C 151 35.13 12.11 12.33
CA MET C 151 34.75 12.40 13.72
C MET C 151 33.52 11.64 14.10
N LEU C 152 32.53 11.53 13.16
CA LEU C 152 31.31 10.77 13.46
C LEU C 152 31.58 9.29 13.66
N LYS C 153 32.58 8.74 12.95
CA LYS C 153 32.96 7.33 13.07
C LYS C 153 33.63 7.08 14.43
N GLN C 154 34.42 8.05 14.89
CA GLN C 154 35.10 8.03 16.19
C GLN C 154 34.10 8.02 17.34
N SER C 155 32.99 8.73 17.19
CA SER C 155 31.99 8.81 18.27
C SER C 155 30.80 7.85 18.13
N ASN C 156 30.66 7.10 17.01
CA ASN C 156 29.44 6.31 16.72
C ASN C 156 28.27 7.34 16.64
N GLY C 157 28.56 8.48 16.02
CA GLY C 157 27.66 9.62 15.91
C GLY C 157 26.44 9.48 15.03
N SER C 158 25.81 10.62 14.75
CA SER C 158 24.57 10.70 14.00
C SER C 158 24.52 11.87 13.04
N ILE C 159 23.95 11.63 11.86
CA ILE C 159 23.70 12.64 10.84
C ILE C 159 22.20 12.86 10.82
N VAL C 160 21.78 14.12 10.97
CA VAL C 160 20.35 14.46 10.96
C VAL C 160 20.10 15.35 9.75
N VAL C 161 19.26 14.89 8.84
CA VAL C 161 18.98 15.61 7.60
C VAL C 161 17.57 16.15 7.64
N VAL C 162 17.44 17.48 7.59
CA VAL C 162 16.12 18.09 7.59
C VAL C 162 15.58 18.16 6.16
N SER C 163 14.52 17.38 5.91
CA SER C 163 13.83 17.36 4.63
C SER C 163 12.43 17.94 4.78
N SER C 164 11.51 17.52 3.94
CA SER C 164 10.18 18.11 3.87
C SER C 164 9.21 17.12 3.26
N LEU C 165 7.90 17.40 3.39
CA LEU C 165 6.85 16.64 2.69
C LEU C 165 7.10 16.83 1.17
N ALA C 166 7.62 18.03 0.76
CA ALA C 166 7.97 18.33 -0.63
C ALA C 166 9.18 17.49 -1.13
N GLY C 167 9.80 16.76 -0.22
CA GLY C 167 10.86 15.79 -0.49
C GLY C 167 10.36 14.36 -0.49
N LYS C 168 9.04 14.16 -0.40
CA LYS C 168 8.42 12.82 -0.41
C LYS C 168 7.32 12.73 -1.41
N VAL C 169 6.67 13.88 -1.66
CA VAL C 169 5.55 14.01 -2.60
C VAL C 169 5.72 15.27 -3.46
N ALA C 170 4.94 15.36 -4.55
CA ALA C 170 5.01 16.50 -5.44
C ALA C 170 4.02 17.59 -5.08
N TYR C 171 4.51 18.83 -5.04
CA TYR C 171 3.67 20.01 -4.84
C TYR C 171 4.05 21.02 -5.92
N PRO C 172 3.08 21.74 -6.53
CA PRO C 172 3.46 22.81 -7.48
C PRO C 172 4.08 24.00 -6.72
N MET C 173 4.82 24.87 -7.46
CA MET C 173 5.40 26.13 -6.94
C MET C 173 6.72 25.96 -6.20
N VAL C 174 7.21 24.71 -6.02
CA VAL C 174 8.45 24.44 -5.29
C VAL C 174 9.31 23.41 -6.01
N ALA C 175 9.29 23.39 -7.35
CA ALA C 175 9.98 22.41 -8.19
C ALA C 175 11.47 22.23 -7.88
N ALA C 176 12.22 23.32 -7.85
CA ALA C 176 13.67 23.32 -7.58
C ALA C 176 13.97 22.79 -6.18
N TYR C 177 13.21 23.26 -5.19
CA TYR C 177 13.33 22.92 -3.77
C TYR C 177 13.04 21.43 -3.58
N SER C 178 11.92 20.97 -4.17
CA SER C 178 11.47 19.60 -4.13
C SER C 178 12.51 18.67 -4.71
N ALA C 179 13.13 19.05 -5.84
CA ALA C 179 14.17 18.25 -6.49
C ALA C 179 15.35 18.04 -5.52
N SER C 180 15.75 19.11 -4.81
CA SER C 180 16.83 19.08 -3.84
C SER C 180 16.50 18.21 -2.61
N LYS C 181 15.24 18.24 -2.16
CA LYS C 181 14.78 17.45 -1.00
C LYS C 181 14.63 15.96 -1.35
N PHE C 182 14.15 15.66 -2.56
CA PHE C 182 14.10 14.27 -3.06
C PHE C 182 15.50 13.72 -3.18
N ALA C 183 16.47 14.54 -3.67
CA ALA C 183 17.87 14.08 -3.83
C ALA C 183 18.48 13.70 -2.47
N LEU C 184 18.12 14.44 -1.38
CA LEU C 184 18.60 14.11 -0.03
C LEU C 184 18.13 12.72 0.37
N ASP C 185 16.87 12.37 0.01
CA ASP C 185 16.32 11.05 0.30
C ASP C 185 17.11 9.95 -0.43
N GLY C 186 17.26 10.07 -1.76
CA GLY C 186 18.03 9.10 -2.52
C GLY C 186 19.46 8.94 -2.03
N PHE C 187 20.17 10.05 -1.82
CA PHE C 187 21.55 9.95 -1.34
C PHE C 187 21.66 9.37 0.08
N PHE C 188 21.06 10.03 1.08
CA PHE C 188 21.19 9.57 2.46
C PHE C 188 20.57 8.22 2.76
N SER C 189 19.45 7.85 2.10
CA SER C 189 18.88 6.53 2.33
C SER C 189 19.75 5.44 1.68
N SER C 190 20.44 5.75 0.55
CA SER C 190 21.33 4.75 -0.06
C SER C 190 22.55 4.52 0.82
N ILE C 191 23.17 5.61 1.32
CA ILE C 191 24.33 5.50 2.21
C ILE C 191 23.95 4.84 3.55
N ARG C 192 22.70 5.01 3.99
CA ARG C 192 22.24 4.36 5.23
C ARG C 192 22.32 2.83 5.03
N LYS C 193 21.86 2.33 3.86
CA LYS C 193 21.95 0.89 3.53
C LYS C 193 23.41 0.45 3.50
N GLU C 194 24.29 1.28 2.93
CA GLU C 194 25.73 0.99 2.84
C GLU C 194 26.35 0.83 4.23
N TYR C 195 26.08 1.79 5.13
CA TYR C 195 26.59 1.82 6.50
C TYR C 195 26.13 0.63 7.31
N SER C 196 24.85 0.23 7.17
CA SER C 196 24.33 -0.90 7.92
C SER C 196 25.01 -2.21 7.48
N VAL C 197 25.26 -2.37 6.17
CA VAL C 197 25.94 -3.57 5.65
C VAL C 197 27.47 -3.57 5.86
N SER C 198 28.11 -2.38 5.87
CA SER C 198 29.55 -2.29 6.09
C SER C 198 29.90 -2.02 7.55
N ARG C 199 28.87 -2.11 8.44
CA ARG C 199 28.99 -1.90 9.89
C ARG C 199 29.62 -0.54 10.29
N VAL C 200 29.18 0.55 9.63
CA VAL C 200 29.58 1.93 9.96
C VAL C 200 28.50 2.34 10.97
N ASN C 201 28.90 2.56 12.24
CA ASN C 201 27.95 2.87 13.31
C ASN C 201 27.60 4.37 13.38
N VAL C 202 27.25 4.95 12.21
CA VAL C 202 26.83 6.35 12.10
C VAL C 202 25.36 6.31 11.63
N SER C 203 24.43 6.78 12.46
CA SER C 203 23.01 6.76 12.08
C SER C 203 22.70 7.95 11.15
N ILE C 204 21.64 7.78 10.37
CA ILE C 204 21.17 8.79 9.43
C ILE C 204 19.70 8.96 9.65
N THR C 205 19.29 10.16 10.04
CA THR C 205 17.88 10.45 10.30
C THR C 205 17.39 11.44 9.23
N LEU C 206 16.34 11.06 8.51
CA LEU C 206 15.72 11.93 7.53
C LEU C 206 14.43 12.48 8.12
N CYS C 207 14.36 13.81 8.27
CA CYS C 207 13.21 14.47 8.87
C CYS C 207 12.26 14.99 7.82
N VAL C 208 11.03 14.48 7.81
CA VAL C 208 10.00 14.88 6.84
C VAL C 208 9.03 15.81 7.53
N LEU C 209 9.14 17.11 7.22
CA LEU C 209 8.29 18.14 7.81
C LEU C 209 7.15 18.66 6.96
N GLY C 210 6.03 18.89 7.63
CA GLY C 210 4.87 19.58 7.07
C GLY C 210 5.12 21.06 7.28
N LEU C 211 4.14 21.92 6.96
CA LEU C 211 4.33 23.35 7.13
C LEU C 211 4.58 23.73 8.61
N ILE C 212 5.65 24.52 8.84
CA ILE C 212 6.07 24.97 10.18
C ILE C 212 5.97 26.47 10.26
N ASP C 213 5.51 27.01 11.40
CA ASP C 213 5.31 28.45 11.59
C ASP C 213 6.54 29.37 11.65
N THR C 214 7.63 29.06 10.92
CA THR C 214 8.78 29.95 10.89
C THR C 214 8.38 31.24 10.15
N GLU C 215 9.07 32.34 10.46
CA GLU C 215 8.81 33.64 9.83
C GLU C 215 8.94 33.55 8.30
N THR C 216 9.98 32.82 7.81
CA THR C 216 10.22 32.64 6.38
C THR C 216 9.08 31.88 5.71
N ALA C 217 8.62 30.76 6.35
CA ALA C 217 7.51 29.96 5.79
C ALA C 217 6.20 30.77 5.71
N MET C 218 5.85 31.49 6.80
CA MET C 218 4.63 32.28 6.92
C MET C 218 4.54 33.42 5.91
N LYS C 219 5.69 34.07 5.62
CA LYS C 219 5.76 35.12 4.60
C LYS C 219 5.60 34.50 3.20
N ALA C 220 6.22 33.32 2.99
CA ALA C 220 6.22 32.66 1.68
C ALA C 220 4.87 32.06 1.31
N VAL C 221 4.09 31.60 2.29
CA VAL C 221 2.78 31.01 1.98
C VAL C 221 1.65 32.06 1.94
N SER C 222 1.87 33.28 2.48
CA SER C 222 0.87 34.36 2.53
C SER C 222 0.50 34.77 1.11
N GLY C 223 -0.80 34.72 0.82
CA GLY C 223 -1.31 35.01 -0.51
C GLY C 223 -1.40 33.77 -1.38
N ILE C 224 -1.03 32.61 -0.83
CA ILE C 224 -1.05 31.34 -1.56
C ILE C 224 -1.88 30.33 -0.76
N VAL C 225 -1.30 29.20 -0.37
CA VAL C 225 -1.99 28.15 0.39
C VAL C 225 -2.46 28.63 1.78
N HIS C 226 -3.50 27.99 2.31
CA HIS C 226 -4.05 28.33 3.61
C HIS C 226 -4.26 27.06 4.42
N MET C 227 -3.22 26.66 5.15
CA MET C 227 -3.17 25.47 6.01
C MET C 227 -2.50 25.80 7.36
N GLN C 228 -2.79 25.02 8.40
CA GLN C 228 -2.24 25.25 9.73
C GLN C 228 -0.77 24.89 9.84
N ALA C 229 0.06 25.86 10.22
CA ALA C 229 1.48 25.63 10.41
C ALA C 229 1.73 25.15 11.83
N ALA C 230 2.53 24.10 11.98
CA ALA C 230 2.88 23.51 13.27
C ALA C 230 3.89 24.39 14.03
N PRO C 231 3.94 24.35 15.38
CA PRO C 231 4.91 25.19 16.10
C PRO C 231 6.39 24.81 15.86
N LYS C 232 7.22 25.81 15.51
CA LYS C 232 8.68 25.65 15.24
C LYS C 232 9.46 25.07 16.43
N GLU C 233 9.06 25.43 17.68
CA GLU C 233 9.73 24.92 18.87
C GLU C 233 9.52 23.45 19.13
N GLU C 234 8.29 22.94 18.91
CA GLU C 234 8.02 21.50 19.05
C GLU C 234 8.68 20.76 17.89
N CYS C 235 8.65 21.34 16.68
CA CYS C 235 9.31 20.79 15.50
C CYS C 235 10.79 20.53 15.77
N ALA C 236 11.51 21.57 16.23
CA ALA C 236 12.94 21.52 16.54
C ALA C 236 13.27 20.37 17.49
N LEU C 237 12.45 20.22 18.54
CA LEU C 237 12.65 19.17 19.56
C LEU C 237 12.44 17.80 18.97
N GLU C 238 11.39 17.63 18.17
CA GLU C 238 11.10 16.37 17.50
C GLU C 238 12.27 15.91 16.60
N ILE C 239 12.94 16.86 15.93
CA ILE C 239 14.08 16.54 15.06
C ILE C 239 15.23 16.00 15.93
N ILE C 240 15.56 16.72 17.02
CA ILE C 240 16.61 16.33 17.97
C ILE C 240 16.33 14.93 18.56
N LYS C 241 15.07 14.68 18.99
CA LYS C 241 14.66 13.36 19.54
C LYS C 241 14.91 12.21 18.56
N GLY C 242 14.42 12.35 17.33
CA GLY C 242 14.59 11.35 16.27
C GLY C 242 16.06 11.10 16.00
N GLY C 243 16.84 12.18 15.99
CA GLY C 243 18.29 12.12 15.83
C GLY C 243 18.96 11.38 16.97
N ALA C 244 18.64 11.77 18.23
CA ALA C 244 19.17 11.13 19.46
C ALA C 244 18.79 9.65 19.52
N LEU C 245 17.55 9.29 19.09
CA LEU C 245 17.05 7.91 19.07
C LEU C 245 17.52 7.09 17.88
N ARG C 246 18.30 7.70 16.97
CA ARG C 246 18.86 7.03 15.78
C ARG C 246 17.74 6.45 14.86
N GLN C 247 16.59 7.14 14.79
CA GLN C 247 15.47 6.72 13.94
C GLN C 247 15.82 7.03 12.47
N GLU C 248 15.36 6.19 11.54
CA GLU C 248 15.65 6.42 10.12
C GLU C 248 14.94 7.67 9.61
N GLU C 249 13.70 7.85 10.02
CA GLU C 249 12.86 8.96 9.62
C GLU C 249 12.08 9.49 10.78
N VAL C 250 11.87 10.81 10.78
CA VAL C 250 11.06 11.57 11.74
C VAL C 250 10.03 12.27 10.90
N TYR C 251 8.78 12.22 11.35
CA TYR C 251 7.65 12.87 10.72
C TYR C 251 7.14 13.89 11.69
N TYR C 252 6.93 15.12 11.21
CA TYR C 252 6.35 16.18 12.01
C TYR C 252 5.41 17.02 11.18
N ASP C 253 4.15 17.09 11.60
CA ASP C 253 3.11 17.88 10.93
C ASP C 253 2.01 18.27 11.93
N SER C 254 1.25 19.35 11.62
CA SER C 254 0.10 19.84 12.39
C SER C 254 -0.97 18.74 12.56
N SER C 255 -1.10 17.85 11.55
CA SER C 255 -2.09 16.78 11.52
C SER C 255 -1.45 15.40 11.66
N LEU C 256 -2.00 14.57 12.58
CA LEU C 256 -1.56 13.20 12.81
C LEU C 256 -1.81 12.35 11.57
N TRP C 257 -2.85 12.69 10.79
CA TRP C 257 -3.22 12.00 9.55
C TRP C 257 -2.09 12.02 8.54
N THR C 258 -1.30 13.12 8.48
CA THR C 258 -0.16 13.29 7.57
C THR C 258 0.89 12.22 7.87
N THR C 259 1.21 12.01 9.17
CA THR C 259 2.18 11.04 9.69
C THR C 259 1.86 9.63 9.16
N LEU C 260 0.58 9.21 9.23
CA LEU C 260 0.11 7.90 8.76
C LEU C 260 0.37 7.76 7.26
N LEU C 261 0.15 8.86 6.50
CA LEU C 261 0.34 8.90 5.05
C LEU C 261 1.78 8.97 4.58
N ILE C 262 2.70 9.45 5.40
CA ILE C 262 4.11 9.58 4.99
C ILE C 262 4.78 8.20 4.87
N ARG C 263 4.41 7.26 5.74
CA ARG C 263 5.01 5.92 5.74
C ARG C 263 4.87 5.23 4.38
N ASN C 264 5.96 4.61 3.92
CA ASN C 264 5.98 3.88 2.66
C ASN C 264 6.40 2.41 2.93
N PRO C 265 5.46 1.57 3.41
CA PRO C 265 5.82 0.16 3.69
C PRO C 265 6.16 -0.65 2.44
N SER C 266 5.60 -0.28 1.27
CA SER C 266 5.91 -0.97 -0.01
C SER C 266 7.36 -0.76 -0.42
N ARG C 267 7.89 0.46 -0.20
CA ARG C 267 9.29 0.79 -0.48
C ARG C 267 10.16 -0.03 0.49
N LYS C 268 9.79 -0.11 1.79
CA LYS C 268 10.55 -0.87 2.79
C LYS C 268 10.62 -2.36 2.38
N ILE C 269 9.49 -2.91 1.87
CA ILE C 269 9.42 -4.28 1.38
C ILE C 269 10.41 -4.43 0.21
N LEU C 270 10.28 -3.56 -0.83
CA LEU C 270 11.13 -3.59 -2.03
C LEU C 270 12.60 -3.45 -1.71
N GLU C 271 12.96 -2.55 -0.78
CA GLU C 271 14.36 -2.41 -0.37
C GLU C 271 14.89 -3.71 0.22
N PHE C 272 14.03 -4.47 0.94
CA PHE C 272 14.40 -5.77 1.51
C PHE C 272 14.67 -6.83 0.42
N LEU C 273 13.76 -7.00 -0.56
CA LEU C 273 13.97 -7.98 -1.65
C LEU C 273 15.14 -7.65 -2.56
N TYR C 274 15.40 -6.34 -2.75
CA TYR C 274 16.50 -5.89 -3.61
C TYR C 274 17.83 -6.14 -2.93
N SER C 275 17.87 -6.04 -1.58
CA SER C 275 19.06 -6.26 -0.75
C SER C 275 19.63 -7.69 -0.88
N THR C 276 18.73 -8.71 -0.90
CA THR C 276 19.09 -10.14 -1.00
C THR C 276 19.93 -10.49 -2.24
N SER C 277 19.82 -9.67 -3.30
CA SER C 277 20.56 -9.85 -4.56
C SER C 277 22.03 -9.38 -4.52
N TYR C 278 22.43 -8.66 -3.44
CA TYR C 278 23.79 -8.17 -3.26
C TYR C 278 24.69 -9.26 -2.68
N GLN D 14 -2.70 15.15 -14.97
CA GLN D 14 -2.39 14.83 -16.36
C GLN D 14 -3.40 13.83 -16.93
N GLN D 15 -4.04 14.20 -18.06
CA GLN D 15 -5.02 13.36 -18.75
C GLN D 15 -4.35 12.44 -19.77
N PRO D 16 -4.17 11.13 -19.46
CA PRO D 16 -3.55 10.22 -20.45
C PRO D 16 -4.52 9.86 -21.56
N LEU D 17 -4.00 9.58 -22.78
CA LEU D 17 -4.83 9.19 -23.92
C LEU D 17 -5.47 7.83 -23.59
N ASN D 18 -6.82 7.77 -23.63
CA ASN D 18 -7.57 6.55 -23.28
C ASN D 18 -7.83 5.62 -24.47
N GLU D 19 -6.77 5.35 -25.24
CA GLU D 19 -6.75 4.47 -26.41
C GLU D 19 -5.60 3.50 -26.21
N GLU D 20 -5.61 2.38 -26.95
CA GLU D 20 -4.51 1.43 -26.88
C GLU D 20 -3.39 1.92 -27.78
N PHE D 21 -2.15 1.57 -27.46
CA PHE D 21 -1.02 1.99 -28.28
C PHE D 21 -1.01 1.36 -29.68
N ARG D 22 -0.78 2.21 -30.69
CA ARG D 22 -0.61 1.80 -32.08
C ARG D 22 0.65 2.51 -32.62
N PRO D 23 1.57 1.78 -33.28
CA PRO D 23 2.82 2.42 -33.75
C PRO D 23 2.67 3.66 -34.65
N GLU D 24 1.47 3.82 -35.28
CA GLU D 24 1.10 4.94 -36.16
C GLU D 24 1.12 6.26 -35.40
N MET D 25 0.94 6.20 -34.07
CA MET D 25 0.95 7.36 -33.18
C MET D 25 2.28 8.15 -33.30
N LEU D 26 3.37 7.44 -33.65
CA LEU D 26 4.72 8.00 -33.78
C LEU D 26 5.11 8.39 -35.21
N GLN D 27 4.29 8.00 -36.22
CA GLN D 27 4.51 8.32 -37.64
C GLN D 27 4.53 9.84 -37.86
N GLY D 28 5.65 10.35 -38.38
CA GLY D 28 5.84 11.77 -38.64
C GLY D 28 6.04 12.63 -37.40
N LYS D 29 6.21 12.01 -36.22
CA LYS D 29 6.43 12.77 -34.99
C LYS D 29 7.92 13.15 -34.88
N LYS D 30 8.18 14.36 -34.38
CA LYS D 30 9.52 14.94 -34.22
C LYS D 30 10.03 14.61 -32.82
N VAL D 31 10.99 13.68 -32.74
CA VAL D 31 11.50 13.10 -31.51
C VAL D 31 13.02 13.26 -31.30
N ILE D 32 13.40 13.76 -30.11
CA ILE D 32 14.79 13.84 -29.65
C ILE D 32 15.00 12.62 -28.72
N VAL D 33 16.14 11.95 -28.84
CA VAL D 33 16.54 10.85 -27.97
C VAL D 33 17.96 11.16 -27.49
N THR D 34 18.13 11.39 -26.16
CA THR D 34 19.47 11.62 -25.61
C THR D 34 20.03 10.26 -25.16
N GLY D 35 21.35 10.17 -24.98
CA GLY D 35 22.01 8.91 -24.64
C GLY D 35 21.66 7.81 -25.62
N ALA D 36 21.60 8.15 -26.92
CA ALA D 36 21.16 7.27 -28.01
C ALA D 36 22.26 6.52 -28.78
N SER D 37 23.54 6.63 -28.32
CA SER D 37 24.64 5.91 -28.97
C SER D 37 24.64 4.41 -28.60
N LYS D 38 24.13 4.07 -27.39
CA LYS D 38 24.04 2.68 -26.90
C LYS D 38 22.85 2.39 -25.96
N GLY D 39 22.74 1.13 -25.54
CA GLY D 39 21.72 0.61 -24.63
C GLY D 39 20.30 0.96 -25.01
N ILE D 40 19.50 1.36 -24.00
CA ILE D 40 18.07 1.72 -24.15
C ILE D 40 17.81 2.87 -25.14
N GLY D 41 18.65 3.91 -25.07
CA GLY D 41 18.56 5.08 -25.95
C GLY D 41 18.62 4.71 -27.41
N ARG D 42 19.58 3.81 -27.75
CA ARG D 42 19.81 3.29 -29.11
C ARG D 42 18.56 2.52 -29.52
N GLU D 43 18.10 1.57 -28.68
CA GLU D 43 16.90 0.77 -28.89
C GLU D 43 15.66 1.64 -29.11
N MET D 44 15.56 2.79 -28.39
CA MET D 44 14.45 3.73 -28.57
C MET D 44 14.50 4.37 -29.94
N ALA D 45 15.71 4.78 -30.41
CA ALA D 45 15.90 5.42 -31.73
C ALA D 45 15.42 4.50 -32.84
N TYR D 46 15.79 3.20 -32.74
CA TYR D 46 15.44 2.15 -33.70
C TYR D 46 13.93 1.92 -33.75
N HIS D 47 13.23 1.86 -32.59
CA HIS D 47 11.78 1.64 -32.54
C HIS D 47 11.06 2.78 -33.26
N LEU D 48 11.44 4.03 -32.93
CA LEU D 48 10.89 5.25 -33.51
C LEU D 48 11.14 5.31 -35.02
N ALA D 49 12.33 4.80 -35.46
CA ALA D 49 12.70 4.71 -36.87
C ALA D 49 11.71 3.77 -37.59
N LYS D 50 11.50 2.55 -37.05
CA LYS D 50 10.56 1.54 -37.56
C LYS D 50 9.13 2.07 -37.61
N MET D 51 8.78 2.99 -36.67
CA MET D 51 7.47 3.63 -36.60
C MET D 51 7.36 4.81 -37.56
N GLY D 52 8.46 5.14 -38.25
CA GLY D 52 8.52 6.23 -39.22
C GLY D 52 8.57 7.64 -38.66
N ALA D 53 9.12 7.81 -37.45
CA ALA D 53 9.24 9.14 -36.82
C ALA D 53 10.46 9.89 -37.34
N HIS D 54 10.51 11.21 -37.07
CA HIS D 54 11.66 12.05 -37.34
C HIS D 54 12.49 11.95 -36.06
N VAL D 55 13.78 11.65 -36.21
CA VAL D 55 14.66 11.41 -35.08
C VAL D 55 15.91 12.29 -35.08
N VAL D 56 16.24 12.85 -33.89
CA VAL D 56 17.48 13.60 -33.64
C VAL D 56 18.09 12.96 -32.40
N VAL D 57 19.19 12.22 -32.60
CA VAL D 57 19.89 11.48 -31.58
C VAL D 57 21.13 12.19 -31.09
N THR D 58 21.42 12.06 -29.79
CA THR D 58 22.60 12.66 -29.19
C THR D 58 23.28 11.74 -28.21
N ALA D 59 24.57 12.00 -27.98
CA ALA D 59 25.54 11.32 -27.11
C ALA D 59 26.90 11.88 -27.50
N ARG D 60 27.98 11.42 -26.85
CA ARG D 60 29.33 11.91 -27.18
C ARG D 60 29.95 11.18 -28.37
N SER D 61 29.72 9.86 -28.50
CA SER D 61 30.30 9.02 -29.57
C SER D 61 29.76 9.35 -30.98
N LYS D 62 30.46 10.27 -31.67
CA LYS D 62 30.16 10.76 -33.02
C LYS D 62 30.09 9.63 -34.07
N GLU D 63 31.02 8.67 -34.02
CA GLU D 63 31.08 7.53 -34.94
C GLU D 63 29.94 6.54 -34.70
N THR D 64 29.60 6.29 -33.42
CA THR D 64 28.51 5.39 -33.04
C THR D 64 27.16 6.01 -33.45
N LEU D 65 26.99 7.32 -33.23
CA LEU D 65 25.77 8.06 -33.57
C LEU D 65 25.53 8.03 -35.07
N GLN D 66 26.63 8.15 -35.87
CA GLN D 66 26.57 8.06 -37.33
C GLN D 66 26.04 6.69 -37.73
N LYS D 67 26.52 5.61 -37.08
CA LYS D 67 26.08 4.24 -37.33
C LYS D 67 24.61 4.05 -36.90
N VAL D 68 24.18 4.74 -35.82
CA VAL D 68 22.80 4.70 -35.30
C VAL D 68 21.86 5.38 -36.30
N VAL D 69 22.25 6.57 -36.80
CA VAL D 69 21.50 7.38 -37.76
C VAL D 69 21.26 6.62 -39.07
N SER D 70 22.33 5.99 -39.62
CA SER D 70 22.26 5.21 -40.88
C SER D 70 21.32 4.03 -40.72
N HIS D 71 21.42 3.28 -39.60
CA HIS D 71 20.53 2.16 -39.33
C HIS D 71 19.06 2.64 -39.13
N CYS D 72 18.86 3.88 -38.59
CA CYS D 72 17.54 4.50 -38.42
C CYS D 72 16.89 4.74 -39.79
N LEU D 73 17.66 5.29 -40.76
CA LEU D 73 17.17 5.54 -42.12
C LEU D 73 16.78 4.22 -42.80
N GLU D 74 17.56 3.16 -42.54
CA GLU D 74 17.32 1.80 -43.06
C GLU D 74 16.04 1.17 -42.53
N LEU D 75 15.71 1.43 -41.24
CA LEU D 75 14.51 0.88 -40.60
C LEU D 75 13.23 1.63 -41.00
N GLY D 76 13.38 2.79 -41.65
CA GLY D 76 12.24 3.56 -42.15
C GLY D 76 11.91 4.86 -41.45
N ALA D 77 12.90 5.55 -40.87
CA ALA D 77 12.69 6.83 -40.20
C ALA D 77 12.41 7.91 -41.25
N ALA D 78 11.47 8.82 -40.97
CA ALA D 78 11.10 9.93 -41.85
C ALA D 78 12.32 10.85 -42.09
N SER D 79 13.19 10.98 -41.07
CA SER D 79 14.49 11.63 -41.06
C SER D 79 15.28 11.17 -39.82
N ALA D 80 16.62 11.20 -39.90
CA ALA D 80 17.52 10.81 -38.83
C ALA D 80 18.75 11.69 -38.89
N HIS D 81 19.07 12.36 -37.78
CA HIS D 81 20.23 13.24 -37.66
C HIS D 81 20.84 13.09 -36.26
N TYR D 82 22.13 13.43 -36.15
CA TYR D 82 22.84 13.38 -34.89
C TYR D 82 23.52 14.71 -34.61
N ILE D 83 23.67 15.03 -33.33
CA ILE D 83 24.40 16.18 -32.83
C ILE D 83 25.20 15.61 -31.67
N ALA D 84 26.53 15.63 -31.79
CA ALA D 84 27.40 15.04 -30.79
C ALA D 84 27.86 16.06 -29.81
N GLY D 85 27.93 15.63 -28.55
CA GLY D 85 28.37 16.49 -27.45
C GLY D 85 28.13 15.90 -26.09
N THR D 86 28.72 16.55 -25.08
CA THR D 86 28.62 16.14 -23.70
C THR D 86 27.59 16.96 -22.98
N MET D 87 26.68 16.27 -22.27
CA MET D 87 25.65 16.93 -21.45
C MET D 87 26.19 17.54 -20.14
N GLU D 88 27.54 17.48 -19.95
CA GLU D 88 28.24 18.17 -18.86
C GLU D 88 28.22 19.67 -19.21
N ASP D 89 28.16 19.97 -20.52
CA ASP D 89 28.20 21.31 -21.08
C ASP D 89 26.79 21.80 -21.29
N MET D 90 26.34 22.68 -20.37
CA MET D 90 25.00 23.26 -20.38
C MET D 90 24.72 24.12 -21.59
N THR D 91 25.77 24.76 -22.18
CA THR D 91 25.65 25.57 -23.39
C THR D 91 25.31 24.63 -24.54
N PHE D 92 25.99 23.47 -24.59
CA PHE D 92 25.73 22.48 -25.60
C PHE D 92 24.26 22.02 -25.53
N ALA D 93 23.79 21.59 -24.32
CA ALA D 93 22.42 21.09 -24.09
C ALA D 93 21.37 22.02 -24.66
N GLU D 94 21.50 23.33 -24.38
CA GLU D 94 20.60 24.39 -24.83
C GLU D 94 20.59 24.53 -26.37
N GLN D 95 21.78 24.53 -26.99
CA GLN D 95 21.98 24.69 -28.43
C GLN D 95 21.58 23.44 -29.17
N PHE D 96 21.80 22.26 -28.57
CA PHE D 96 21.40 20.99 -29.16
C PHE D 96 19.89 20.99 -29.47
N VAL D 97 19.04 21.44 -28.52
CA VAL D 97 17.58 21.46 -28.68
C VAL D 97 17.17 22.41 -29.82
N ALA D 98 17.71 23.65 -29.82
CA ALA D 98 17.46 24.67 -30.85
C ALA D 98 17.80 24.08 -32.23
N GLN D 99 18.99 23.48 -32.36
CA GLN D 99 19.47 22.85 -33.59
C GLN D 99 18.65 21.63 -33.99
N ALA D 100 18.27 20.76 -33.02
CA ALA D 100 17.43 19.59 -33.29
C ALA D 100 16.04 20.01 -33.79
N GLY D 101 15.45 21.03 -33.14
CA GLY D 101 14.16 21.59 -33.51
C GLY D 101 14.18 22.26 -34.88
N LYS D 102 15.34 22.85 -35.26
CA LYS D 102 15.54 23.50 -36.56
C LYS D 102 15.57 22.42 -37.65
N LEU D 103 16.29 21.30 -37.40
CA LEU D 103 16.40 20.16 -38.32
C LEU D 103 15.07 19.49 -38.62
N MET D 104 14.16 19.45 -37.64
CA MET D 104 12.86 18.77 -37.78
C MET D 104 11.68 19.71 -38.04
N GLY D 105 11.87 21.02 -37.86
CA GLY D 105 10.81 22.01 -37.99
C GLY D 105 9.80 21.94 -36.85
N GLY D 106 10.31 21.71 -35.65
CA GLY D 106 9.51 21.59 -34.43
C GLY D 106 9.95 20.42 -33.58
N LEU D 107 9.15 20.12 -32.54
CA LEU D 107 9.40 19.03 -31.58
C LEU D 107 8.11 18.51 -30.95
N ASP D 108 7.91 17.19 -30.98
CA ASP D 108 6.74 16.50 -30.44
C ASP D 108 7.05 15.75 -29.16
N MET D 109 8.21 15.08 -29.09
CA MET D 109 8.60 14.31 -27.92
C MET D 109 10.07 14.48 -27.59
N LEU D 110 10.34 14.81 -26.31
CA LEU D 110 11.69 14.97 -25.76
C LEU D 110 11.95 13.79 -24.83
N ILE D 111 12.81 12.86 -25.26
CA ILE D 111 13.18 11.66 -24.49
C ILE D 111 14.56 11.88 -23.85
N LEU D 112 14.55 12.06 -22.51
CA LEU D 112 15.74 12.35 -21.71
C LEU D 112 16.16 11.05 -21.07
N ASN D 113 17.30 10.51 -21.55
CA ASN D 113 17.76 9.18 -21.22
C ASN D 113 19.22 9.07 -20.80
N HIS D 114 20.07 9.98 -21.25
CA HIS D 114 21.49 9.94 -20.93
C HIS D 114 21.78 10.01 -19.44
N ILE D 115 22.91 9.42 -19.04
CA ILE D 115 23.45 9.47 -17.67
C ILE D 115 24.97 9.49 -17.77
N THR D 116 25.65 9.96 -16.71
CA THR D 116 27.11 9.93 -16.67
C THR D 116 27.53 8.48 -16.35
N ASN D 117 28.75 8.08 -16.75
CA ASN D 117 29.32 6.75 -16.48
C ASN D 117 29.34 6.48 -14.98
N THR D 118 28.79 5.35 -14.56
CA THR D 118 28.70 4.99 -13.16
C THR D 118 28.91 3.51 -12.90
N SER D 119 29.44 3.18 -11.72
CA SER D 119 29.70 1.81 -11.30
C SER D 119 29.06 1.58 -9.93
N LEU D 120 29.04 0.32 -9.46
CA LEU D 120 28.52 0.04 -8.12
C LEU D 120 29.72 0.14 -7.17
N ASN D 121 29.68 1.10 -6.27
CA ASN D 121 30.73 1.29 -5.28
C ASN D 121 30.14 1.88 -4.01
N LEU D 122 30.75 1.56 -2.88
CA LEU D 122 30.37 2.15 -1.61
C LEU D 122 30.77 3.63 -1.72
N PHE D 123 29.95 4.52 -1.14
CA PHE D 123 30.30 5.93 -1.16
C PHE D 123 31.20 6.18 0.01
N HIS D 124 32.30 6.90 -0.23
N HIS D 124 32.31 6.90 -0.23
CA HIS D 124 33.24 7.26 0.83
CA HIS D 124 33.24 7.28 0.84
C HIS D 124 33.46 8.78 0.89
C HIS D 124 33.41 8.80 0.86
N ASP D 125 34.05 9.35 -0.17
CA ASP D 125 34.32 10.79 -0.25
C ASP D 125 34.26 11.30 -1.68
N ASP D 126 33.55 10.59 -2.57
CA ASP D 126 33.48 10.98 -3.96
C ASP D 126 32.47 12.08 -4.25
N ILE D 127 32.75 13.32 -3.79
CA ILE D 127 31.91 14.49 -4.07
C ILE D 127 31.85 14.77 -5.59
N HIS D 128 33.00 14.55 -6.29
CA HIS D 128 33.09 14.73 -7.74
C HIS D 128 32.01 13.92 -8.46
N HIS D 129 31.90 12.62 -8.13
CA HIS D 129 30.91 11.75 -8.76
C HIS D 129 29.47 12.19 -8.43
N VAL D 130 29.26 12.74 -7.21
CA VAL D 130 27.95 13.24 -6.75
C VAL D 130 27.57 14.45 -7.59
N ARG D 131 28.48 15.43 -7.69
CA ARG D 131 28.25 16.62 -8.49
C ARG D 131 28.06 16.30 -9.98
N LYS D 132 28.88 15.39 -10.53
CA LYS D 132 28.77 15.02 -11.94
C LYS D 132 27.44 14.32 -12.25
N SER D 133 27.00 13.42 -11.37
CA SER D 133 25.71 12.74 -11.53
C SER D 133 24.58 13.78 -11.50
N MET D 134 24.67 14.74 -10.57
CA MET D 134 23.65 15.79 -10.47
C MET D 134 23.61 16.67 -11.73
N GLU D 135 24.78 17.10 -12.22
CA GLU D 135 24.88 17.94 -13.41
C GLU D 135 24.39 17.22 -14.69
N VAL D 136 24.89 16.01 -14.94
CA VAL D 136 24.56 15.24 -16.15
C VAL D 136 23.19 14.56 -16.09
N ASN D 137 22.91 13.78 -15.04
CA ASN D 137 21.67 13.02 -14.94
C ASN D 137 20.48 13.85 -14.59
N PHE D 138 20.69 15.05 -14.07
CA PHE D 138 19.58 15.88 -13.61
C PHE D 138 19.53 17.28 -14.18
N LEU D 139 20.55 18.11 -13.88
CA LEU D 139 20.56 19.51 -14.31
C LEU D 139 20.43 19.67 -15.80
N SER D 140 21.17 18.85 -16.58
CA SER D 140 21.09 18.90 -18.05
C SER D 140 19.66 18.59 -18.52
N TYR D 141 18.93 17.65 -17.86
CA TYR D 141 17.52 17.33 -18.17
C TYR D 141 16.62 18.56 -18.04
N VAL D 142 16.88 19.41 -17.03
CA VAL D 142 16.14 20.65 -16.80
C VAL D 142 16.48 21.68 -17.90
N VAL D 143 17.79 21.84 -18.24
CA VAL D 143 18.25 22.75 -19.31
C VAL D 143 17.61 22.34 -20.66
N LEU D 144 17.61 21.03 -20.99
CA LEU D 144 16.99 20.48 -22.22
C LEU D 144 15.49 20.76 -22.26
N THR D 145 14.77 20.56 -21.11
CA THR D 145 13.33 20.81 -20.95
C THR D 145 13.01 22.29 -21.20
N VAL D 146 13.74 23.20 -20.54
CA VAL D 146 13.59 24.65 -20.68
C VAL D 146 13.73 25.07 -22.16
N ALA D 147 14.77 24.58 -22.84
CA ALA D 147 15.04 24.86 -24.26
C ALA D 147 13.95 24.27 -25.18
N ALA D 148 13.38 23.10 -24.81
CA ALA D 148 12.34 22.38 -25.57
C ALA D 148 10.93 22.87 -25.41
N LEU D 149 10.62 23.45 -24.24
CA LEU D 149 9.29 23.89 -23.88
C LEU D 149 8.50 24.75 -24.90
N PRO D 150 9.04 25.89 -25.43
CA PRO D 150 8.26 26.66 -26.43
C PRO D 150 7.77 25.79 -27.59
N MET D 151 8.62 24.87 -28.11
CA MET D 151 8.24 23.96 -29.19
C MET D 151 7.20 22.95 -28.72
N LEU D 152 7.41 22.34 -27.53
CA LEU D 152 6.47 21.37 -26.97
C LEU D 152 5.09 21.96 -26.70
N LYS D 153 5.04 23.24 -26.32
CA LYS D 153 3.80 23.98 -26.07
C LYS D 153 3.04 24.20 -27.38
N GLN D 154 3.78 24.44 -28.49
CA GLN D 154 3.20 24.61 -29.84
C GLN D 154 2.59 23.30 -30.33
N SER D 155 3.24 22.15 -30.01
CA SER D 155 2.78 20.85 -30.49
C SER D 155 1.94 20.06 -29.52
N ASN D 156 1.72 20.57 -28.27
CA ASN D 156 1.02 19.81 -27.20
C ASN D 156 1.81 18.50 -27.01
N GLY D 157 3.14 18.66 -27.01
CA GLY D 157 4.10 17.57 -26.94
C GLY D 157 4.23 16.83 -25.63
N SER D 158 5.29 16.03 -25.54
CA SER D 158 5.58 15.15 -24.43
C SER D 158 7.03 15.16 -23.98
N ILE D 159 7.26 15.16 -22.65
CA ILE D 159 8.59 15.02 -22.04
C ILE D 159 8.61 13.64 -21.41
N VAL D 160 9.58 12.82 -21.80
CA VAL D 160 9.73 11.47 -21.29
C VAL D 160 11.06 11.42 -20.54
N VAL D 161 10.96 11.20 -19.22
CA VAL D 161 12.12 11.20 -18.34
C VAL D 161 12.45 9.76 -17.98
N VAL D 162 13.65 9.29 -18.35
CA VAL D 162 14.04 7.91 -18.05
C VAL D 162 14.67 7.87 -16.65
N SER D 163 13.99 7.21 -15.72
CA SER D 163 14.44 7.09 -14.36
C SER D 163 14.72 5.62 -14.06
N SER D 164 14.69 5.27 -12.78
CA SER D 164 15.07 3.96 -12.28
C SER D 164 14.30 3.62 -11.00
N LEU D 165 14.28 2.32 -10.64
CA LEU D 165 13.76 1.83 -9.36
C LEU D 165 14.55 2.51 -8.20
N ALA D 166 15.86 2.79 -8.46
CA ALA D 166 16.80 3.53 -7.59
C ALA D 166 16.42 5.01 -7.50
N GLY D 167 15.43 5.44 -8.29
CA GLY D 167 14.83 6.79 -8.24
C GLY D 167 13.54 6.77 -7.43
N LYS D 168 13.16 5.60 -6.88
CA LYS D 168 11.91 5.45 -6.10
C LYS D 168 12.13 4.81 -4.74
N VAL D 169 13.20 4.02 -4.62
CA VAL D 169 13.58 3.29 -3.40
C VAL D 169 15.11 3.38 -3.25
N ALA D 170 15.64 3.20 -2.02
CA ALA D 170 17.07 3.25 -1.77
C ALA D 170 17.79 1.97 -2.17
N TYR D 171 18.97 2.12 -2.78
CA TYR D 171 19.84 1.00 -3.16
C TYR D 171 21.23 1.31 -2.70
N PRO D 172 21.91 0.39 -1.97
CA PRO D 172 23.33 0.64 -1.65
C PRO D 172 24.15 0.59 -2.93
N MET D 173 25.35 1.21 -2.92
CA MET D 173 26.35 1.21 -4.01
C MET D 173 26.14 2.16 -5.20
N VAL D 174 24.98 2.84 -5.23
CA VAL D 174 24.63 3.81 -6.28
C VAL D 174 24.07 5.10 -5.66
N ALA D 175 24.68 5.57 -4.54
CA ALA D 175 24.19 6.76 -3.82
C ALA D 175 24.09 8.03 -4.68
N ALA D 176 25.14 8.37 -5.45
CA ALA D 176 25.16 9.54 -6.35
C ALA D 176 24.09 9.44 -7.43
N TYR D 177 24.02 8.25 -8.07
CA TYR D 177 23.06 7.94 -9.14
C TYR D 177 21.63 8.01 -8.58
N SER D 178 21.41 7.39 -7.41
CA SER D 178 20.11 7.38 -6.74
C SER D 178 19.63 8.81 -6.40
N ALA D 179 20.55 9.70 -5.97
CA ALA D 179 20.23 11.10 -5.66
C ALA D 179 19.72 11.86 -6.89
N SER D 180 20.40 11.68 -8.03
CA SER D 180 20.02 12.33 -9.30
C SER D 180 18.66 11.85 -9.80
N LYS D 181 18.38 10.54 -9.66
CA LYS D 181 17.11 9.94 -10.13
C LYS D 181 15.94 10.36 -9.26
N PHE D 182 16.14 10.46 -7.93
CA PHE D 182 15.14 10.96 -6.96
C PHE D 182 14.86 12.42 -7.30
N ALA D 183 15.92 13.21 -7.61
CA ALA D 183 15.77 14.64 -7.95
C ALA D 183 14.86 14.81 -9.20
N LEU D 184 14.96 13.88 -10.16
CA LEU D 184 14.13 13.87 -11.37
C LEU D 184 12.64 13.75 -11.01
N ASP D 185 12.31 12.82 -10.09
CA ASP D 185 10.94 12.64 -9.65
C ASP D 185 10.44 13.94 -8.99
N GLY D 186 11.20 14.46 -8.02
CA GLY D 186 10.84 15.71 -7.34
C GLY D 186 10.65 16.86 -8.31
N PHE D 187 11.59 17.05 -9.25
CA PHE D 187 11.45 18.16 -10.20
C PHE D 187 10.27 18.00 -11.17
N PHE D 188 10.28 16.90 -11.94
CA PHE D 188 9.28 16.68 -12.99
C PHE D 188 7.87 16.44 -12.49
N SER D 189 7.69 15.76 -11.35
CA SER D 189 6.31 15.55 -10.81
C SER D 189 5.75 16.87 -10.32
N SER D 190 6.63 17.76 -9.78
CA SER D 190 6.21 19.08 -9.33
C SER D 190 5.80 19.95 -10.51
N ILE D 191 6.61 19.97 -11.60
CA ILE D 191 6.24 20.74 -12.80
C ILE D 191 5.00 20.18 -13.49
N ARG D 192 4.80 18.84 -13.40
CA ARG D 192 3.59 18.21 -13.93
C ARG D 192 2.36 18.82 -13.20
N LYS D 193 2.42 18.98 -11.85
CA LYS D 193 1.37 19.63 -11.06
C LYS D 193 1.15 21.06 -11.53
N GLU D 194 2.24 21.75 -11.92
CA GLU D 194 2.18 23.14 -12.37
C GLU D 194 1.51 23.24 -13.72
N TYR D 195 1.85 22.34 -14.65
CA TYR D 195 1.30 22.32 -16.00
C TYR D 195 -0.22 22.09 -15.97
N SER D 196 -0.71 21.24 -15.05
CA SER D 196 -2.15 20.99 -14.90
C SER D 196 -2.92 22.21 -14.39
N VAL D 197 -2.33 22.98 -13.44
CA VAL D 197 -3.01 24.18 -12.91
C VAL D 197 -2.91 25.37 -13.85
N SER D 198 -1.76 25.53 -14.53
CA SER D 198 -1.54 26.63 -15.46
C SER D 198 -2.00 26.28 -16.88
N ARG D 199 -2.63 25.10 -17.02
CA ARG D 199 -3.19 24.55 -18.26
C ARG D 199 -2.19 24.51 -19.44
N VAL D 200 -0.99 23.97 -19.15
CA VAL D 200 0.10 23.76 -20.12
C VAL D 200 -0.10 22.31 -20.57
N ASN D 201 -0.53 22.11 -21.83
CA ASN D 201 -0.80 20.78 -22.37
C ASN D 201 0.45 20.03 -22.89
N VAL D 202 1.47 19.96 -22.04
CA VAL D 202 2.70 19.20 -22.30
C VAL D 202 2.68 18.07 -21.28
N SER D 203 2.70 16.83 -21.74
CA SER D 203 2.66 15.72 -20.82
C SER D 203 4.07 15.39 -20.29
N ILE D 204 4.13 14.75 -19.10
CA ILE D 204 5.37 14.35 -18.43
C ILE D 204 5.29 12.90 -18.03
N THR D 205 6.17 12.09 -18.60
CA THR D 205 6.20 10.67 -18.30
C THR D 205 7.50 10.37 -17.59
N LEU D 206 7.39 9.81 -16.37
CA LEU D 206 8.55 9.38 -15.61
C LEU D 206 8.60 7.87 -15.70
N CYS D 207 9.71 7.33 -16.23
CA CYS D 207 9.84 5.89 -16.43
C CYS D 207 10.69 5.22 -15.37
N VAL D 208 10.06 4.36 -14.56
CA VAL D 208 10.72 3.67 -13.47
C VAL D 208 11.10 2.26 -13.91
N LEU D 209 12.41 2.06 -14.12
CA LEU D 209 12.95 0.82 -14.62
C LEU D 209 13.76 0.03 -13.63
N GLY D 210 13.55 -1.29 -13.68
CA GLY D 210 14.36 -2.26 -12.96
C GLY D 210 15.58 -2.56 -13.81
N LEU D 211 16.38 -3.54 -13.41
CA LEU D 211 17.59 -3.92 -14.15
C LEU D 211 17.25 -4.39 -15.57
N ILE D 212 17.91 -3.77 -16.57
CA ILE D 212 17.74 -4.01 -17.99
C ILE D 212 19.06 -4.57 -18.58
N ASP D 213 18.98 -5.61 -19.44
CA ASP D 213 20.12 -6.31 -20.04
C ASP D 213 21.05 -5.55 -20.98
N THR D 214 21.25 -4.23 -20.74
CA THR D 214 22.16 -3.45 -21.57
C THR D 214 23.58 -3.85 -21.22
N GLU D 215 24.50 -3.70 -22.18
CA GLU D 215 25.91 -4.03 -22.02
C GLU D 215 26.55 -3.34 -20.79
N THR D 216 26.31 -2.03 -20.59
CA THR D 216 26.84 -1.27 -19.43
C THR D 216 26.34 -1.86 -18.11
N ALA D 217 25.01 -2.14 -18.01
CA ALA D 217 24.38 -2.69 -16.80
C ALA D 217 24.92 -4.07 -16.48
N MET D 218 24.99 -4.97 -17.49
CA MET D 218 25.47 -6.35 -17.31
C MET D 218 26.93 -6.40 -16.86
N LYS D 219 27.76 -5.46 -17.34
CA LYS D 219 29.16 -5.34 -16.93
C LYS D 219 29.23 -4.75 -15.53
N ALA D 220 28.39 -3.74 -15.23
CA ALA D 220 28.41 -3.07 -13.92
C ALA D 220 27.97 -3.92 -12.73
N VAL D 221 26.97 -4.79 -12.92
CA VAL D 221 26.38 -5.63 -11.87
C VAL D 221 27.07 -7.00 -11.71
N SER D 222 27.95 -7.35 -12.66
CA SER D 222 28.69 -8.62 -12.71
C SER D 222 29.44 -8.90 -11.41
N GLY D 223 29.12 -10.03 -10.79
CA GLY D 223 29.70 -10.43 -9.52
C GLY D 223 29.34 -9.62 -8.29
N ILE D 224 28.50 -8.56 -8.46
CA ILE D 224 28.07 -7.70 -7.34
C ILE D 224 26.59 -7.93 -7.04
N VAL D 225 25.76 -7.84 -8.08
CA VAL D 225 24.31 -8.02 -7.96
C VAL D 225 23.85 -9.19 -8.86
N HIS D 226 23.11 -10.14 -8.26
CA HIS D 226 22.57 -11.29 -9.00
C HIS D 226 21.05 -11.29 -9.02
N MET D 227 20.47 -10.97 -10.18
CA MET D 227 19.02 -10.87 -10.41
C MET D 227 18.71 -10.79 -11.90
N GLN D 228 17.47 -11.16 -12.26
CA GLN D 228 16.98 -11.15 -13.63
C GLN D 228 17.04 -9.76 -14.24
N ALA D 229 17.38 -9.70 -15.52
CA ALA D 229 17.46 -8.45 -16.27
C ALA D 229 16.42 -8.52 -17.39
N ALA D 230 15.59 -7.48 -17.52
CA ALA D 230 14.54 -7.42 -18.52
C ALA D 230 15.13 -7.02 -19.87
N PRO D 231 14.55 -7.43 -21.02
CA PRO D 231 15.17 -7.10 -22.31
C PRO D 231 15.08 -5.62 -22.70
N LYS D 232 16.21 -5.05 -23.16
CA LYS D 232 16.34 -3.64 -23.57
C LYS D 232 15.41 -3.19 -24.70
N GLU D 233 15.13 -4.09 -25.65
CA GLU D 233 14.26 -3.81 -26.81
C GLU D 233 12.82 -3.59 -26.33
N GLU D 234 12.32 -4.47 -25.44
CA GLU D 234 10.97 -4.34 -24.86
C GLU D 234 10.88 -3.10 -23.93
N CYS D 235 11.94 -2.84 -23.15
CA CYS D 235 12.06 -1.69 -22.26
C CYS D 235 11.88 -0.41 -23.07
N ALA D 236 12.68 -0.27 -24.15
CA ALA D 236 12.63 0.90 -25.03
C ALA D 236 11.21 1.18 -25.58
N LEU D 237 10.51 0.12 -25.99
CA LEU D 237 9.15 0.17 -26.53
C LEU D 237 8.16 0.65 -25.47
N GLU D 238 8.24 0.04 -24.27
CA GLU D 238 7.36 0.39 -23.15
C GLU D 238 7.49 1.84 -22.75
N ILE D 239 8.72 2.41 -22.84
CA ILE D 239 9.01 3.82 -22.57
C ILE D 239 8.28 4.72 -23.58
N ILE D 240 8.44 4.43 -24.87
CA ILE D 240 7.80 5.15 -25.99
C ILE D 240 6.26 5.05 -25.86
N LYS D 241 5.73 3.84 -25.54
CA LYS D 241 4.27 3.65 -25.38
C LYS D 241 3.71 4.60 -24.31
N GLY D 242 4.31 4.57 -23.12
CA GLY D 242 3.89 5.43 -22.00
C GLY D 242 3.93 6.91 -22.31
N GLY D 243 4.98 7.33 -23.02
CA GLY D 243 5.17 8.70 -23.45
C GLY D 243 4.09 9.11 -24.44
N ALA D 244 3.88 8.27 -25.49
CA ALA D 244 2.86 8.45 -26.52
C ALA D 244 1.46 8.51 -25.88
N LEU D 245 1.18 7.62 -24.90
CA LEU D 245 -0.11 7.57 -24.18
C LEU D 245 -0.25 8.66 -23.11
N ARG D 246 0.81 9.49 -22.90
CA ARG D 246 0.79 10.61 -21.93
C ARG D 246 0.54 10.14 -20.49
N GLN D 247 1.06 8.95 -20.16
CA GLN D 247 0.96 8.38 -18.82
C GLN D 247 1.92 9.14 -17.89
N GLU D 248 1.52 9.31 -16.62
CA GLU D 248 2.33 10.01 -15.62
C GLU D 248 3.57 9.18 -15.30
N GLU D 249 3.40 7.88 -15.06
CA GLU D 249 4.50 6.99 -14.74
C GLU D 249 4.44 5.68 -15.50
N VAL D 250 5.60 5.20 -15.93
CA VAL D 250 5.75 3.89 -16.60
C VAL D 250 6.60 3.03 -15.66
N TYR D 251 6.14 1.80 -15.37
CA TYR D 251 6.92 0.89 -14.57
C TYR D 251 7.32 -0.29 -15.42
N TYR D 252 8.62 -0.59 -15.48
CA TYR D 252 9.09 -1.72 -16.26
C TYR D 252 10.17 -2.47 -15.52
N ASP D 253 9.83 -3.70 -15.11
CA ASP D 253 10.75 -4.57 -14.38
C ASP D 253 10.45 -6.04 -14.67
N SER D 254 11.42 -6.94 -14.45
CA SER D 254 11.29 -8.39 -14.64
C SER D 254 10.29 -9.02 -13.67
N SER D 255 10.23 -8.57 -12.39
CA SER D 255 9.32 -9.18 -11.42
C SER D 255 7.99 -8.45 -11.22
N LEU D 256 6.88 -9.19 -11.38
CA LEU D 256 5.51 -8.70 -11.20
C LEU D 256 5.18 -8.82 -9.71
N TRP D 257 5.90 -7.98 -8.95
CA TRP D 257 5.95 -7.79 -7.49
C TRP D 257 6.25 -6.31 -7.40
N THR D 258 7.28 -5.88 -8.16
CA THR D 258 7.75 -4.53 -8.31
C THR D 258 6.61 -3.68 -8.88
N THR D 259 6.15 -4.02 -10.10
CA THR D 259 5.11 -3.30 -10.86
C THR D 259 3.92 -2.86 -10.02
N LEU D 260 3.32 -3.77 -9.25
CA LEU D 260 2.17 -3.35 -8.45
C LEU D 260 2.45 -2.95 -7.00
N LEU D 261 3.69 -3.13 -6.51
CA LEU D 261 4.06 -2.68 -5.16
C LEU D 261 4.62 -1.26 -5.17
N ILE D 262 5.26 -0.85 -6.28
CA ILE D 262 5.89 0.45 -6.46
C ILE D 262 4.95 1.67 -6.51
N ARG D 263 3.67 1.47 -6.83
CA ARG D 263 2.64 2.53 -6.83
C ARG D 263 2.49 3.06 -5.39
N ASN D 264 2.27 4.38 -5.22
CA ASN D 264 2.14 4.96 -3.90
C ASN D 264 0.80 5.73 -3.72
N PRO D 265 -0.28 5.04 -3.27
CA PRO D 265 -1.58 5.73 -3.07
C PRO D 265 -1.53 6.81 -2.00
N SER D 266 -0.72 6.61 -0.93
CA SER D 266 -0.55 7.57 0.14
C SER D 266 0.01 8.89 -0.39
N ARG D 267 0.97 8.81 -1.32
CA ARG D 267 1.58 9.98 -1.96
C ARG D 267 0.50 10.72 -2.75
N LYS D 268 -0.33 9.98 -3.50
CA LYS D 268 -1.46 10.51 -4.30
C LYS D 268 -2.45 11.29 -3.41
N ILE D 269 -2.78 10.76 -2.21
CA ILE D 269 -3.68 11.45 -1.25
C ILE D 269 -3.03 12.77 -0.82
N LEU D 270 -1.76 12.69 -0.38
CA LEU D 270 -0.98 13.82 0.11
C LEU D 270 -0.91 14.94 -0.92
N GLU D 271 -0.81 14.57 -2.22
CA GLU D 271 -0.73 15.51 -3.34
C GLU D 271 -2.09 16.15 -3.69
N PHE D 272 -3.21 15.42 -3.46
CA PHE D 272 -4.57 15.86 -3.77
C PHE D 272 -4.95 17.06 -2.92
N LEU D 273 -4.58 18.26 -3.40
CA LEU D 273 -4.81 19.54 -2.73
C LEU D 273 -5.08 20.64 -3.73
#